data_9ESY
#
_entry.id   9ESY
#
_cell.length_a   74.073
_cell.length_b   133.635
_cell.length_c   148.056
_cell.angle_alpha   90
_cell.angle_beta   90
_cell.angle_gamma   90
#
_symmetry.space_group_name_H-M   'P 21 21 21'
#
loop_
_entity.id
_entity.type
_entity.pdbx_description
1 polymer 'Cyclin-dependent kinase 2'
2 polymer Cyclin-A2
3 non-polymer 4-bromanyl-1,8-naphthyridine
4 water water
#
loop_
_entity_poly.entity_id
_entity_poly.type
_entity_poly.pdbx_seq_one_letter_code
_entity_poly.pdbx_strand_id
1 'polypeptide(L)'
;GPGSMENFQKVEKIGEGTYGVVYKARNKLTGEVVALKKIRLDTETEGVPSTAIREISLLKELNHPNIVKLLDVIHTENKL
YLVFEFLHQDLKKFMDASALTGIPLPLIKSYLFQLLQGLAFCHSHRVLHRDLKPQNLLINTEGAIKLADFGLARAFGVPV
RTY(TPO)HEVVTLWYRAPEILLGCKYYSTAVDIWSLGCIFAEMVTRRALFPGDSEIDQLFRIFRTLGTPDEVVWPGVTS
MPDYKPSFPKWARQDFSKVVPPLDEDGRSLLSQMLHYDPNKRISAKAALAHPFFQDVTKPVPHLRL
;
A,C
2 'polypeptide(L)'
;GVNEVPDYHEDIHTYLREMEVKCKPKVGYMKKQPDITNSMRAILVDWLVEVGEEYKLQNETLHLAVNYIDRFLSSMSVLR
GKLQLVGTAAMLLASKFEEIYPPEVAEFVYITDDTYTKKQVLRMEHLVLKVLAFDLAAPTINQFLTQYFLHQQPANCKVE
SLAMFLGELSLIDADPYLKYLPSVIAAAAFHLALYTVTGQSWPESLVQKTGYTLETLKPCLLDLHQTYLRAPQHAQQSIR
EKYKNSKYHGVSLLNPPETLNVHHHHHH
;
B,D
#
loop_
_chem_comp.id
_chem_comp.type
_chem_comp.name
_chem_comp.formula
HH8 non-polymer 4-bromanyl-1,8-naphthyridine 'C8 H5 Br N2'
#
# COMPACT_ATOMS: atom_id res chain seq x y z
N PRO A 2 7.87 8.34 1.25
CA PRO A 2 8.97 7.75 0.53
C PRO A 2 10.06 8.74 0.16
N GLY A 3 9.81 10.02 0.41
CA GLY A 3 10.78 11.05 0.00
C GLY A 3 11.15 12.01 1.10
N SER A 4 12.11 12.89 0.83
CA SER A 4 12.61 13.86 1.84
C SER A 4 13.02 15.14 1.11
N MET A 5 12.96 16.29 1.78
CA MET A 5 13.22 17.58 1.09
C MET A 5 14.71 17.79 0.76
N GLU A 6 15.57 16.94 1.30
CA GLU A 6 17.03 17.07 1.08
C GLU A 6 17.39 16.61 -0.33
N ASN A 7 16.55 15.78 -0.96
CA ASN A 7 16.84 15.42 -2.34
C ASN A 7 16.20 16.37 -3.35
N PHE A 8 15.53 17.44 -2.92
CA PHE A 8 14.97 18.38 -3.87
C PHE A 8 15.82 19.67 -3.87
N GLN A 9 15.92 20.30 -5.05
CA GLN A 9 16.56 21.59 -5.21
C GLN A 9 15.55 22.57 -5.79
N LYS A 10 15.16 23.60 -5.02
CA LYS A 10 14.19 24.58 -5.49
C LYS A 10 14.80 25.32 -6.69
N VAL A 11 13.94 25.74 -7.62
CA VAL A 11 14.40 26.35 -8.86
C VAL A 11 13.81 27.76 -8.99
N GLU A 12 12.48 27.87 -8.86
CA GLU A 12 11.84 29.17 -8.95
C GLU A 12 10.38 29.04 -8.53
N LYS A 13 9.76 30.15 -8.10
CA LYS A 13 8.33 30.19 -7.82
C LYS A 13 7.57 30.01 -9.14
N ILE A 14 6.45 29.29 -9.13
CA ILE A 14 5.68 29.11 -10.36
C ILE A 14 4.20 29.36 -10.14
N GLY A 15 3.81 29.81 -8.94
CA GLY A 15 2.39 29.97 -8.69
C GLY A 15 2.05 30.09 -7.21
N GLU A 16 0.75 30.23 -6.93
CA GLU A 16 0.21 30.32 -5.59
C GLU A 16 -1.16 29.67 -5.49
N GLY A 17 -1.34 28.83 -4.45
CA GLY A 17 -2.64 28.37 -3.98
C GLY A 17 -3.04 29.15 -2.73
N THR A 18 -3.96 28.60 -1.93
CA THR A 18 -4.45 29.32 -0.75
C THR A 18 -3.49 29.17 0.43
N TYR A 19 -2.80 28.03 0.49
CA TYR A 19 -2.01 27.71 1.67
C TYR A 19 -0.52 27.90 1.40
N GLY A 20 -0.23 28.36 0.18
CA GLY A 20 1.03 29.05 -0.01
C GLY A 20 1.43 29.11 -1.47
N VAL A 21 2.75 29.08 -1.65
CA VAL A 21 3.38 29.25 -2.93
C VAL A 21 3.55 27.87 -3.58
N VAL A 22 3.64 27.84 -4.92
CA VAL A 22 4.09 26.63 -5.60
C VAL A 22 5.48 26.90 -6.14
N TYR A 23 6.34 25.88 -6.04
CA TYR A 23 7.74 25.97 -6.40
C TYR A 23 8.05 24.91 -7.44
N LYS A 24 8.86 25.26 -8.44
CA LYS A 24 9.43 24.26 -9.32
C LYS A 24 10.70 23.73 -8.68
N ALA A 25 10.84 22.41 -8.65
CA ALA A 25 12.04 21.86 -8.03
C ALA A 25 12.50 20.66 -8.85
N ARG A 26 13.69 20.20 -8.51
CA ARG A 26 14.39 19.14 -9.23
C ARG A 26 14.87 18.11 -8.20
N ASN A 27 14.50 16.85 -8.46
CA ASN A 27 14.97 15.71 -7.67
C ASN A 27 16.44 15.49 -8.03
N LYS A 28 17.35 15.57 -7.07
CA LYS A 28 18.78 15.60 -7.39
C LYS A 28 19.32 14.19 -7.63
N LEU A 29 18.50 13.16 -7.37
CA LEU A 29 18.97 11.80 -7.51
C LEU A 29 18.47 11.19 -8.81
N THR A 30 17.22 11.51 -9.19
CA THR A 30 16.60 10.93 -10.37
C THR A 30 16.56 11.93 -11.54
N GLY A 31 16.69 13.24 -11.26
CA GLY A 31 16.62 14.28 -12.26
C GLY A 31 15.18 14.84 -12.44
N GLU A 32 14.23 14.18 -11.80
CA GLU A 32 12.84 14.46 -12.10
C GLU A 32 12.53 15.91 -11.70
N VAL A 33 11.78 16.60 -12.56
CA VAL A 33 11.31 17.94 -12.28
C VAL A 33 9.92 17.82 -11.67
N VAL A 34 9.67 18.57 -10.59
CA VAL A 34 8.46 18.45 -9.78
C VAL A 34 7.94 19.84 -9.43
N ALA A 35 6.67 19.93 -9.06
CA ALA A 35 6.13 21.10 -8.41
C ALA A 35 5.92 20.77 -6.95
N LEU A 36 6.43 21.64 -6.05
CA LEU A 36 6.25 21.54 -4.61
C LEU A 36 5.15 22.52 -4.18
N LYS A 37 4.11 22.04 -3.52
CA LYS A 37 3.11 22.95 -2.98
C LYS A 37 3.27 22.93 -1.46
N LYS A 38 3.68 24.04 -0.89
CA LYS A 38 3.86 24.08 0.58
C LYS A 38 2.52 24.43 1.21
N ILE A 39 2.13 23.67 2.23
CA ILE A 39 0.89 24.01 2.98
C ILE A 39 1.36 24.49 4.36
N ARG A 40 0.91 25.67 4.76
CA ARG A 40 1.34 26.23 6.06
C ARG A 40 0.65 25.48 7.19
N LEU A 41 1.43 24.98 8.16
CA LEU A 41 0.85 24.25 9.32
C LEU A 41 1.29 24.94 10.61
N ASP A 42 2.54 25.42 10.66
CA ASP A 42 3.03 26.17 11.86
C ASP A 42 2.05 27.31 12.12
N THR A 43 1.64 28.00 11.05
CA THR A 43 0.68 29.11 11.18
C THR A 43 -0.73 28.56 11.34
N GLU A 44 -0.93 27.25 11.12
CA GLU A 44 -2.30 26.70 11.14
C GLU A 44 -2.75 26.45 12.59
N THR A 45 -3.86 27.06 12.99
CA THR A 45 -4.36 26.91 14.38
C THR A 45 -5.51 25.93 14.40
N GLU A 46 -5.94 25.44 13.23
CA GLU A 46 -7.03 24.43 13.19
C GLU A 46 -6.46 23.11 12.66
N GLY A 47 -5.13 22.99 12.62
CA GLY A 47 -4.49 21.75 12.16
C GLY A 47 -4.42 21.68 10.67
N VAL A 48 -4.42 20.46 10.13
CA VAL A 48 -4.32 20.29 8.66
C VAL A 48 -5.61 20.80 8.02
N PRO A 49 -5.51 21.73 7.05
CA PRO A 49 -6.68 22.27 6.40
C PRO A 49 -7.55 21.23 5.73
N SER A 50 -8.87 21.43 5.75
CA SER A 50 -9.74 20.50 5.06
C SER A 50 -9.48 20.51 3.56
N THR A 51 -9.05 21.63 3.00
CA THR A 51 -8.71 21.67 1.57
C THR A 51 -7.62 20.65 1.26
N ALA A 52 -6.60 20.63 2.11
CA ALA A 52 -5.45 19.79 1.86
C ALA A 52 -5.84 18.32 2.06
N ILE A 53 -6.64 18.04 3.10
CA ILE A 53 -7.05 16.67 3.39
C ILE A 53 -7.86 16.09 2.22
N ARG A 54 -8.77 16.88 1.67
CA ARG A 54 -9.47 16.43 0.49
C ARG A 54 -8.50 16.36 -0.68
N GLU A 55 -7.64 17.38 -0.87
CA GLU A 55 -6.78 17.37 -2.05
C GLU A 55 -5.93 16.10 -2.07
N ILE A 56 -5.24 15.80 -0.95
CA ILE A 56 -4.31 14.69 -0.88
C ILE A 56 -5.08 13.37 -0.96
N SER A 57 -6.14 13.17 -0.14
CA SER A 57 -6.88 11.90 -0.15
C SER A 57 -7.50 11.59 -1.52
N LEU A 58 -8.07 12.59 -2.17
CA LEU A 58 -8.70 12.34 -3.45
C LEU A 58 -7.65 12.11 -4.52
N LEU A 59 -6.51 12.80 -4.47
CA LEU A 59 -5.55 12.74 -5.56
C LEU A 59 -4.73 11.44 -5.54
N LYS A 60 -4.50 10.88 -4.35
CA LYS A 60 -3.83 9.60 -4.20
C LYS A 60 -4.58 8.46 -4.91
N GLU A 61 -5.90 8.61 -5.11
CA GLU A 61 -6.74 7.63 -5.78
C GLU A 61 -6.89 7.83 -7.30
N LEU A 62 -6.66 9.05 -7.77
CA LEU A 62 -6.94 9.34 -9.16
C LEU A 62 -5.67 9.26 -9.98
N ASN A 63 -5.34 8.07 -10.44
N ASN A 63 -5.29 8.06 -10.40
CA ASN A 63 -4.20 7.92 -11.33
CA ASN A 63 -4.20 7.85 -11.34
C ASN A 63 -4.73 7.84 -12.75
C ASN A 63 -4.78 7.84 -12.75
N HIS A 64 -4.59 8.96 -13.47
CA HIS A 64 -5.03 9.07 -14.84
C HIS A 64 -4.10 10.02 -15.58
N PRO A 65 -3.85 9.78 -16.87
CA PRO A 65 -2.89 10.65 -17.61
C PRO A 65 -3.34 12.10 -17.79
N ASN A 66 -4.64 12.38 -17.57
CA ASN A 66 -5.22 13.70 -17.69
C ASN A 66 -5.61 14.26 -16.33
N ILE A 67 -5.05 13.69 -15.28
CA ILE A 67 -5.11 14.30 -13.96
C ILE A 67 -3.68 14.44 -13.44
N VAL A 68 -3.37 15.64 -12.93
CA VAL A 68 -2.07 15.92 -12.33
C VAL A 68 -1.77 14.87 -11.27
N LYS A 69 -0.56 14.37 -11.31
CA LYS A 69 -0.16 13.24 -10.51
C LYS A 69 0.53 13.78 -9.25
N LEU A 70 0.00 13.40 -8.10
CA LEU A 70 0.62 13.59 -6.79
C LEU A 70 1.62 12.47 -6.58
N LEU A 71 2.92 12.82 -6.50
CA LEU A 71 3.97 11.82 -6.37
C LEU A 71 4.24 11.48 -4.92
N ASP A 72 4.03 12.43 -4.00
CA ASP A 72 4.53 12.24 -2.66
C ASP A 72 3.93 13.26 -1.70
N VAL A 73 4.01 12.97 -0.42
CA VAL A 73 3.55 13.94 0.63
C VAL A 73 4.62 13.92 1.73
N ILE A 74 5.36 15.03 1.88
CA ILE A 74 6.39 15.12 2.94
C ILE A 74 5.73 15.78 4.17
N HIS A 75 5.51 14.98 5.21
CA HIS A 75 4.78 15.45 6.42
C HIS A 75 5.77 15.83 7.52
N THR A 76 6.31 17.04 7.47
CA THR A 76 7.16 17.50 8.59
C THR A 76 6.22 17.91 9.71
N GLU A 77 6.77 18.45 10.80
CA GLU A 77 5.93 18.78 11.98
C GLU A 77 5.22 20.12 11.80
N ASN A 78 5.89 21.09 11.16
CA ASN A 78 5.30 22.45 10.97
C ASN A 78 5.03 22.69 9.50
N LYS A 79 5.38 21.72 8.65
CA LYS A 79 5.23 21.92 7.19
C LYS A 79 4.67 20.68 6.50
N LEU A 80 3.90 20.88 5.43
CA LEU A 80 3.36 19.75 4.63
C LEU A 80 3.65 20.08 3.16
N TYR A 81 4.33 19.18 2.47
CA TYR A 81 4.74 19.44 1.07
C TYR A 81 4.10 18.44 0.13
N LEU A 82 3.30 18.95 -0.80
CA LEU A 82 2.76 18.06 -1.84
C LEU A 82 3.70 18.08 -3.04
N VAL A 83 4.20 16.90 -3.47
CA VAL A 83 5.04 16.80 -4.65
C VAL A 83 4.22 16.31 -5.85
N PHE A 84 4.04 17.18 -6.86
CA PHE A 84 3.33 16.80 -8.08
C PHE A 84 4.31 16.73 -9.25
N GLU A 85 3.93 16.04 -10.32
CA GLU A 85 4.70 16.13 -11.55
C GLU A 85 4.68 17.58 -12.02
N PHE A 86 5.82 18.08 -12.51
CA PHE A 86 5.83 19.42 -13.08
C PHE A 86 5.19 19.42 -14.48
N LEU A 87 4.28 20.38 -14.70
CA LEU A 87 3.83 20.81 -16.02
C LEU A 87 4.16 22.28 -16.29
N HIS A 88 4.51 22.61 -17.54
N HIS A 88 4.48 22.60 -17.57
CA HIS A 88 5.17 23.87 -17.83
CA HIS A 88 5.14 23.85 -17.99
C HIS A 88 4.24 25.08 -17.67
C HIS A 88 4.24 25.06 -17.73
N GLN A 89 2.95 24.92 -17.96
CA GLN A 89 2.10 26.10 -18.08
C GLN A 89 0.65 25.73 -17.79
N ASP A 90 -0.19 26.73 -17.56
CA ASP A 90 -1.64 26.53 -17.51
C ASP A 90 -2.31 27.07 -18.78
N LEU A 91 -3.55 26.66 -18.98
CA LEU A 91 -4.27 26.91 -20.22
C LEU A 91 -4.52 28.40 -20.39
N LYS A 92 -4.70 29.14 -19.29
CA LYS A 92 -4.94 30.57 -19.33
C LYS A 92 -3.72 31.29 -19.91
N LYS A 93 -2.51 31.02 -19.38
CA LYS A 93 -1.30 31.59 -19.92
C LYS A 93 -1.18 31.31 -21.42
N PHE A 94 -1.47 30.05 -21.81
CA PHE A 94 -1.31 29.63 -23.18
C PHE A 94 -2.27 30.38 -24.09
N MET A 95 -3.54 30.50 -23.68
CA MET A 95 -4.56 31.22 -24.45
C MET A 95 -4.17 32.68 -24.67
N ASP A 96 -3.60 33.33 -23.64
CA ASP A 96 -3.12 34.69 -23.75
C ASP A 96 -1.93 34.80 -24.71
N ALA A 97 -1.05 33.80 -24.70
CA ALA A 97 0.12 33.80 -25.62
C ALA A 97 -0.26 33.28 -27.02
N SER A 98 -1.43 32.65 -27.16
CA SER A 98 -1.87 32.09 -28.46
C SER A 98 -2.75 33.10 -29.18
N ALA A 99 -2.72 34.36 -28.78
CA ALA A 99 -3.62 35.35 -29.39
C ALA A 99 -3.05 35.77 -30.74
N LEU A 100 -3.86 36.46 -31.57
CA LEU A 100 -3.45 36.89 -32.92
C LEU A 100 -3.48 35.68 -33.86
N THR A 101 -2.86 34.59 -33.45
CA THR A 101 -2.96 33.36 -34.25
C THR A 101 -4.23 32.68 -33.85
N GLY A 102 -4.42 32.49 -32.54
CA GLY A 102 -5.55 31.70 -32.08
C GLY A 102 -5.04 30.31 -31.80
N ILE A 103 -5.80 29.52 -31.03
CA ILE A 103 -5.41 28.10 -30.79
C ILE A 103 -5.91 27.30 -32.00
N PRO A 104 -5.06 26.47 -32.62
CA PRO A 104 -5.51 25.62 -33.72
C PRO A 104 -6.57 24.63 -33.29
N LEU A 105 -7.54 24.37 -34.16
CA LEU A 105 -8.67 23.45 -33.83
C LEU A 105 -8.12 22.09 -33.40
N PRO A 106 -7.18 21.40 -34.12
CA PRO A 106 -6.66 20.14 -33.63
C PRO A 106 -6.34 20.23 -32.14
N LEU A 107 -5.67 21.31 -31.73
CA LEU A 107 -5.26 21.42 -30.31
C LEU A 107 -6.47 21.72 -29.42
N ILE A 108 -7.44 22.50 -29.90
CA ILE A 108 -8.62 22.73 -29.07
C ILE A 108 -9.32 21.39 -28.84
N LYS A 109 -9.34 20.61 -29.92
CA LYS A 109 -10.07 19.36 -29.99
C LYS A 109 -9.36 18.29 -29.15
N SER A 110 -8.02 18.24 -29.28
CA SER A 110 -7.19 17.40 -28.44
C SER A 110 -7.37 17.75 -26.97
N TYR A 111 -7.38 19.04 -26.65
CA TYR A 111 -7.37 19.42 -25.25
C TYR A 111 -8.73 19.09 -24.62
N LEU A 112 -9.81 19.41 -25.36
CA LEU A 112 -11.16 19.18 -24.85
C LEU A 112 -11.37 17.67 -24.61
N PHE A 113 -10.90 16.88 -25.58
CA PHE A 113 -11.03 15.43 -25.52
C PHE A 113 -10.35 14.86 -24.27
N GLN A 114 -9.10 15.30 -24.03
CA GLN A 114 -8.37 14.88 -22.85
C GLN A 114 -9.06 15.36 -21.58
N LEU A 115 -9.56 16.60 -21.61
CA LEU A 115 -10.24 17.13 -20.43
C LEU A 115 -11.43 16.23 -20.10
N LEU A 116 -12.18 15.81 -21.11
CA LEU A 116 -13.35 14.95 -20.89
C LEU A 116 -12.90 13.61 -20.33
N GLN A 117 -11.76 13.10 -20.79
CA GLN A 117 -11.26 11.82 -20.30
C GLN A 117 -10.94 11.92 -18.81
N GLY A 118 -10.36 13.06 -18.41
CA GLY A 118 -9.94 13.26 -17.04
C GLY A 118 -11.14 13.45 -16.13
N LEU A 119 -12.13 14.18 -16.63
CA LEU A 119 -13.30 14.46 -15.82
C LEU A 119 -14.13 13.19 -15.65
N ALA A 120 -14.22 12.41 -16.73
CA ALA A 120 -15.03 11.22 -16.69
C ALA A 120 -14.43 10.26 -15.66
N PHE A 121 -13.09 10.20 -15.64
CA PHE A 121 -12.41 9.36 -14.69
C PHE A 121 -12.69 9.87 -13.27
N CYS A 122 -12.68 11.20 -13.10
CA CYS A 122 -13.06 11.75 -11.81
C CYS A 122 -14.46 11.27 -11.42
N HIS A 123 -15.41 11.50 -12.32
CA HIS A 123 -16.79 11.23 -11.98
C HIS A 123 -16.98 9.74 -11.70
N SER A 124 -16.20 8.91 -12.36
CA SER A 124 -16.29 7.47 -12.19
C SER A 124 -15.69 7.02 -10.85
N HIS A 125 -14.93 7.92 -10.21
CA HIS A 125 -14.36 7.60 -8.87
C HIS A 125 -15.03 8.55 -7.88
N ARG A 126 -16.34 8.75 -7.99
CA ARG A 126 -17.13 9.60 -7.07
C ARG A 126 -16.42 10.92 -6.69
N VAL A 127 -15.93 11.67 -7.67
CA VAL A 127 -15.17 12.92 -7.35
C VAL A 127 -15.65 14.09 -8.23
N LEU A 128 -16.17 15.16 -7.59
CA LEU A 128 -16.51 16.38 -8.32
C LEU A 128 -15.30 17.30 -8.17
N HIS A 129 -14.94 17.98 -9.26
CA HIS A 129 -13.80 18.87 -9.23
C HIS A 129 -14.16 20.23 -8.64
N ARG A 130 -15.19 20.88 -9.23
CA ARG A 130 -15.89 22.00 -8.62
C ARG A 130 -15.09 23.31 -8.72
N ASP A 131 -14.00 23.33 -9.50
CA ASP A 131 -13.36 24.59 -9.83
C ASP A 131 -12.66 24.44 -11.18
N LEU A 132 -13.31 23.83 -12.20
CA LEU A 132 -12.68 23.76 -13.51
C LEU A 132 -12.72 25.13 -14.19
N LYS A 133 -11.51 25.60 -14.53
CA LYS A 133 -11.28 26.86 -15.18
C LYS A 133 -9.87 26.80 -15.77
N PRO A 134 -9.52 27.63 -16.78
CA PRO A 134 -8.26 27.42 -17.52
C PRO A 134 -7.00 27.51 -16.68
N GLN A 135 -7.05 28.35 -15.61
CA GLN A 135 -5.97 28.56 -14.68
C GLN A 135 -5.65 27.26 -13.93
N ASN A 136 -6.58 26.30 -13.91
CA ASN A 136 -6.43 25.06 -13.14
C ASN A 136 -6.27 23.87 -14.10
N LEU A 137 -5.97 24.14 -15.38
CA LEU A 137 -5.70 23.08 -16.35
C LEU A 137 -4.26 23.21 -16.85
N LEU A 138 -3.44 22.20 -16.59
CA LEU A 138 -2.02 22.28 -16.83
C LEU A 138 -1.64 21.55 -18.15
N ILE A 139 -0.82 22.21 -18.97
CA ILE A 139 -0.39 21.66 -20.24
C ILE A 139 1.10 21.37 -20.19
N ASN A 140 1.56 20.40 -20.97
CA ASN A 140 3.00 20.15 -21.08
C ASN A 140 3.49 20.34 -22.51
N THR A 141 4.75 19.99 -22.76
CA THR A 141 5.34 20.24 -24.07
C THR A 141 5.01 19.08 -24.98
N GLU A 142 4.38 18.02 -24.47
CA GLU A 142 4.10 16.83 -25.27
C GLU A 142 2.70 16.84 -25.87
N GLY A 143 1.84 17.73 -25.38
CA GLY A 143 0.49 17.83 -25.91
C GLY A 143 -0.53 17.46 -24.84
N ALA A 144 -0.05 17.11 -23.64
CA ALA A 144 -0.97 16.68 -22.58
C ALA A 144 -1.65 17.90 -21.99
N ILE A 145 -2.89 17.73 -21.56
CA ILE A 145 -3.51 18.68 -20.64
C ILE A 145 -4.09 17.87 -19.47
N LYS A 146 -3.99 18.42 -18.24
CA LYS A 146 -4.44 17.68 -17.08
C LYS A 146 -5.17 18.58 -16.10
N LEU A 147 -6.26 18.04 -15.54
CA LEU A 147 -7.01 18.75 -14.49
C LEU A 147 -6.11 18.85 -13.25
N ALA A 148 -6.10 20.03 -12.63
CA ALA A 148 -5.27 20.23 -11.42
C ALA A 148 -6.05 21.08 -10.41
N ASP A 149 -5.42 21.38 -9.28
CA ASP A 149 -6.06 22.14 -8.17
C ASP A 149 -7.33 21.43 -7.73
N PHE A 150 -7.18 20.34 -6.97
CA PHE A 150 -8.32 19.56 -6.45
C PHE A 150 -8.61 19.99 -5.03
N GLY A 151 -8.35 21.27 -4.73
CA GLY A 151 -8.55 21.79 -3.37
C GLY A 151 -10.00 22.08 -3.11
N LEU A 152 -10.78 22.32 -4.16
CA LEU A 152 -12.20 22.48 -3.92
C LEU A 152 -13.00 21.22 -4.27
N ALA A 153 -12.31 20.11 -4.40
CA ALA A 153 -12.93 18.91 -4.91
C ALA A 153 -13.68 18.25 -3.75
N ARG A 154 -14.54 17.28 -4.06
CA ARG A 154 -15.35 16.59 -3.02
C ARG A 154 -15.75 15.16 -3.41
N ALA A 155 -15.58 14.22 -2.49
CA ALA A 155 -16.06 12.85 -2.71
C ALA A 155 -17.57 12.84 -2.59
N PHE A 156 -18.26 12.39 -3.64
CA PHE A 156 -19.72 12.41 -3.56
C PHE A 156 -20.21 11.01 -3.27
N GLY A 157 -21.43 10.94 -2.71
CA GLY A 157 -22.23 9.73 -2.60
C GLY A 157 -23.37 9.75 -3.64
N VAL A 158 -24.01 8.59 -3.84
CA VAL A 158 -25.06 8.41 -4.86
C VAL A 158 -26.36 7.97 -4.15
N PRO A 159 -27.50 8.68 -4.29
CA PRO A 159 -27.55 10.01 -4.91
C PRO A 159 -26.79 11.06 -4.07
N VAL A 160 -26.54 12.24 -4.67
CA VAL A 160 -25.80 13.28 -3.97
C VAL A 160 -26.66 13.87 -2.85
N ARG A 161 -25.97 14.43 -1.87
CA ARG A 161 -26.71 15.17 -0.82
C ARG A 161 -26.40 16.64 -1.07
N THR A 162 -26.73 17.50 -0.11
CA THR A 162 -26.43 18.92 -0.23
C THR A 162 -24.97 19.16 0.12
N TYR A 163 -24.22 19.78 -0.81
CA TYR A 163 -22.84 20.11 -0.50
C TYR A 163 -22.67 21.63 -0.43
N TPO A 164 -21.44 22.08 -0.27
CA TPO A 164 -21.15 23.52 -0.14
CB TPO A 164 -19.63 23.73 0.00
CG2 TPO A 164 -19.27 25.15 0.39
OG1 TPO A 164 -19.19 22.85 1.08
P TPO A 164 -18.24 21.61 0.80
O1P TPO A 164 -19.03 20.66 -0.06
O2P TPO A 164 -17.90 21.05 2.15
O3P TPO A 164 -17.03 22.17 0.08
C TPO A 164 -21.73 24.30 -1.32
O TPO A 164 -21.59 23.86 -2.46
N HIS A 165 -22.38 25.43 -1.04
CA HIS A 165 -23.06 26.22 -2.10
C HIS A 165 -22.08 27.22 -2.73
N GLU A 166 -22.41 27.79 -3.89
CA GLU A 166 -21.56 28.85 -4.47
C GLU A 166 -20.12 28.31 -4.57
N VAL A 167 -19.95 27.21 -5.27
CA VAL A 167 -18.60 26.67 -5.52
C VAL A 167 -18.35 27.02 -6.99
N VAL A 168 -17.17 26.76 -7.51
CA VAL A 168 -16.82 27.06 -8.93
C VAL A 168 -16.60 28.57 -9.08
N THR A 169 -15.48 28.96 -9.66
CA THR A 169 -15.26 30.39 -9.95
C THR A 169 -16.44 30.87 -10.76
N LEU A 170 -17.02 31.99 -10.38
CA LEU A 170 -18.26 32.52 -11.00
C LEU A 170 -18.30 32.39 -12.52
N TRP A 171 -17.26 32.80 -13.23
CA TRP A 171 -17.45 32.79 -14.69
C TRP A 171 -17.79 31.40 -15.22
N TYR A 172 -17.55 30.36 -14.39
CA TYR A 172 -17.64 28.97 -14.78
C TYR A 172 -18.76 28.25 -14.02
N ARG A 173 -19.53 28.97 -13.20
CA ARG A 173 -20.53 28.34 -12.36
C ARG A 173 -21.81 28.03 -13.17
N ALA A 174 -22.26 26.79 -12.98
CA ALA A 174 -23.49 26.31 -13.58
C ALA A 174 -24.71 27.01 -13.01
N PRO A 175 -25.78 27.15 -13.82
CA PRO A 175 -26.97 27.89 -13.42
C PRO A 175 -27.66 27.32 -12.19
N GLU A 176 -27.59 25.99 -12.02
CA GLU A 176 -28.28 25.36 -10.89
C GLU A 176 -27.62 25.74 -9.56
N ILE A 177 -26.31 26.10 -9.58
CA ILE A 177 -25.68 26.64 -8.38
C ILE A 177 -26.12 28.09 -8.18
N LEU A 178 -26.14 28.86 -9.28
CA LEU A 178 -26.55 30.24 -9.20
C LEU A 178 -27.99 30.36 -8.69
N LEU A 179 -28.85 29.37 -9.01
CA LEU A 179 -30.23 29.44 -8.54
C LEU A 179 -30.41 28.82 -7.13
N GLY A 180 -29.28 28.41 -6.55
CA GLY A 180 -29.27 27.97 -5.16
C GLY A 180 -29.94 26.62 -4.98
N CYS A 181 -29.89 25.76 -6.01
CA CYS A 181 -30.53 24.45 -5.94
C CYS A 181 -29.98 23.68 -4.73
N LYS A 182 -30.82 22.82 -4.17
CA LYS A 182 -30.49 22.04 -2.98
C LYS A 182 -29.40 21.01 -3.30
N TYR A 183 -29.41 20.51 -4.53
CA TYR A 183 -28.51 19.46 -4.95
C TYR A 183 -27.93 19.82 -6.31
N TYR A 184 -26.63 19.52 -6.45
CA TYR A 184 -25.94 19.59 -7.72
C TYR A 184 -25.05 18.34 -7.81
N SER A 185 -24.63 18.01 -9.03
CA SER A 185 -24.04 16.73 -9.35
C SER A 185 -22.95 16.94 -10.40
N THR A 186 -22.62 15.87 -11.14
CA THR A 186 -21.49 15.87 -12.05
C THR A 186 -21.66 16.90 -13.15
N ALA A 187 -22.92 17.32 -13.39
CA ALA A 187 -23.25 18.19 -14.49
C ALA A 187 -22.63 19.59 -14.28
N VAL A 188 -22.37 19.99 -13.03
CA VAL A 188 -21.70 21.26 -12.80
C VAL A 188 -20.29 21.30 -13.43
N ASP A 189 -19.57 20.17 -13.44
CA ASP A 189 -18.22 20.15 -13.99
C ASP A 189 -18.31 20.26 -15.52
N ILE A 190 -19.32 19.59 -16.11
CA ILE A 190 -19.55 19.66 -17.54
C ILE A 190 -19.82 21.11 -17.97
N TRP A 191 -20.62 21.83 -17.18
CA TRP A 191 -20.88 23.22 -17.49
C TRP A 191 -19.57 24.00 -17.60
N SER A 192 -18.71 23.84 -16.60
CA SER A 192 -17.41 24.48 -16.61
C SER A 192 -16.63 24.14 -17.88
N LEU A 193 -16.58 22.87 -18.27
CA LEU A 193 -15.82 22.50 -19.47
C LEU A 193 -16.44 23.15 -20.70
N GLY A 194 -17.77 23.33 -20.66
CA GLY A 194 -18.48 23.97 -21.75
C GLY A 194 -17.97 25.39 -21.95
N CYS A 195 -17.96 26.16 -20.85
CA CYS A 195 -17.44 27.51 -20.87
C CYS A 195 -16.02 27.50 -21.42
N ILE A 196 -15.20 26.50 -20.99
CA ILE A 196 -13.79 26.44 -21.32
C ILE A 196 -13.61 26.16 -22.81
N PHE A 197 -14.49 25.26 -23.34
CA PHE A 197 -14.52 24.93 -24.76
C PHE A 197 -14.69 26.20 -25.58
N ALA A 198 -15.75 26.95 -25.28
CA ALA A 198 -16.01 28.21 -25.96
C ALA A 198 -14.78 29.13 -25.81
N GLU A 199 -14.19 29.14 -24.61
CA GLU A 199 -13.12 30.06 -24.28
C GLU A 199 -11.87 29.78 -25.12
N MET A 200 -11.55 28.48 -25.32
CA MET A 200 -10.43 28.07 -26.18
C MET A 200 -10.62 28.55 -27.62
N VAL A 201 -11.86 28.59 -28.11
CA VAL A 201 -12.11 29.02 -29.48
C VAL A 201 -11.95 30.54 -29.62
N THR A 202 -12.55 31.28 -28.66
CA THR A 202 -12.60 32.74 -28.71
C THR A 202 -11.41 33.38 -28.01
N ARG A 203 -10.74 32.65 -27.11
CA ARG A 203 -9.73 33.26 -26.24
C ARG A 203 -10.34 34.32 -25.30
N ARG A 204 -11.66 34.30 -25.06
CA ARG A 204 -12.25 35.15 -24.04
C ARG A 204 -13.38 34.40 -23.33
N ALA A 205 -13.64 34.80 -22.06
CA ALA A 205 -14.64 34.07 -21.26
C ALA A 205 -16.02 34.28 -21.87
N LEU A 206 -16.81 33.21 -21.89
CA LEU A 206 -18.12 33.21 -22.49
C LEU A 206 -19.14 33.97 -21.62
N PHE A 207 -19.10 33.78 -20.30
CA PHE A 207 -20.02 34.51 -19.42
C PHE A 207 -19.24 35.25 -18.33
N PRO A 208 -18.68 36.45 -18.61
CA PRO A 208 -17.85 37.17 -17.65
C PRO A 208 -18.62 38.07 -16.72
N GLY A 209 -19.35 37.49 -15.77
CA GLY A 209 -20.19 38.27 -14.87
C GLY A 209 -19.44 38.90 -13.73
N ASP A 210 -20.04 39.89 -13.09
CA ASP A 210 -19.38 40.60 -11.95
C ASP A 210 -20.20 40.36 -10.69
N SER A 211 -21.25 39.58 -10.78
CA SER A 211 -22.09 39.25 -9.61
C SER A 211 -22.86 37.95 -9.89
N GLU A 212 -23.45 37.34 -8.87
CA GLU A 212 -24.26 36.17 -9.17
C GLU A 212 -25.36 36.55 -10.16
N ILE A 213 -26.00 37.71 -9.97
CA ILE A 213 -27.16 38.00 -10.78
C ILE A 213 -26.76 38.41 -12.19
N ASP A 214 -25.67 39.17 -12.31
CA ASP A 214 -25.14 39.52 -13.60
C ASP A 214 -24.68 38.27 -14.34
N GLN A 215 -24.17 37.28 -13.60
CA GLN A 215 -23.75 36.02 -14.20
C GLN A 215 -24.94 35.27 -14.81
N LEU A 216 -26.01 35.09 -14.03
CA LEU A 216 -27.26 34.54 -14.53
C LEU A 216 -27.72 35.30 -15.75
N PHE A 217 -27.75 36.64 -15.64
CA PHE A 217 -28.34 37.43 -16.71
C PHE A 217 -27.49 37.27 -17.97
N ARG A 218 -26.17 37.12 -17.83
CA ARG A 218 -25.35 36.96 -19.02
C ARG A 218 -25.67 35.63 -19.69
N ILE A 219 -25.81 34.62 -18.84
CA ILE A 219 -26.14 33.28 -19.33
C ILE A 219 -27.49 33.32 -20.06
N PHE A 220 -28.52 33.89 -19.41
CA PHE A 220 -29.88 33.96 -19.95
C PHE A 220 -29.90 34.69 -21.29
N ARG A 221 -29.13 35.78 -21.41
CA ARG A 221 -29.09 36.60 -22.62
C ARG A 221 -28.44 35.85 -23.79
N THR A 222 -27.73 34.74 -23.52
CA THR A 222 -27.07 33.93 -24.55
C THR A 222 -27.87 32.66 -24.84
N LEU A 223 -28.39 32.00 -23.80
CA LEU A 223 -29.04 30.72 -23.98
C LEU A 223 -30.55 30.85 -23.88
N GLY A 224 -31.02 32.08 -23.64
CA GLY A 224 -32.43 32.35 -23.42
C GLY A 224 -32.79 32.15 -21.95
N THR A 225 -33.75 32.96 -21.46
CA THR A 225 -34.16 32.79 -20.09
C THR A 225 -34.88 31.46 -20.00
N PRO A 226 -34.48 30.54 -19.12
CA PRO A 226 -35.16 29.24 -19.00
C PRO A 226 -36.56 29.31 -18.39
N ASP A 227 -37.43 28.39 -18.84
CA ASP A 227 -38.80 28.23 -18.36
C ASP A 227 -39.05 26.74 -18.11
N GLU A 228 -40.30 26.40 -17.75
CA GLU A 228 -40.59 25.02 -17.36
C GLU A 228 -40.45 24.08 -18.54
N VAL A 229 -40.71 24.58 -19.77
CA VAL A 229 -40.52 23.74 -20.93
C VAL A 229 -39.04 23.33 -21.07
N VAL A 230 -38.11 24.28 -21.16
CA VAL A 230 -36.74 23.86 -21.39
C VAL A 230 -36.16 23.21 -20.11
N TRP A 231 -36.65 23.58 -18.92
CA TRP A 231 -36.00 23.12 -17.70
C TRP A 231 -37.04 22.92 -16.59
N PRO A 232 -37.73 21.77 -16.53
CA PRO A 232 -38.82 21.60 -15.54
C PRO A 232 -38.21 21.73 -14.13
N GLY A 233 -38.94 22.42 -13.22
CA GLY A 233 -38.45 22.77 -11.88
C GLY A 233 -37.93 24.21 -11.73
N VAL A 234 -37.36 24.78 -12.81
CA VAL A 234 -36.59 26.01 -12.72
C VAL A 234 -37.37 27.07 -11.93
N THR A 235 -38.67 27.27 -12.23
CA THR A 235 -39.43 28.37 -11.62
C THR A 235 -39.68 28.11 -10.13
N SER A 236 -39.24 26.97 -9.61
CA SER A 236 -39.43 26.63 -8.20
C SER A 236 -38.13 26.77 -7.42
N MET A 237 -37.01 26.80 -8.13
CA MET A 237 -35.71 26.81 -7.48
C MET A 237 -35.61 27.93 -6.45
N PRO A 238 -34.89 27.72 -5.33
CA PRO A 238 -34.87 28.70 -4.24
C PRO A 238 -34.59 30.14 -4.67
N ASP A 239 -33.68 30.37 -5.64
CA ASP A 239 -33.39 31.74 -6.02
C ASP A 239 -33.89 32.07 -7.43
N TYR A 240 -34.79 31.24 -7.97
CA TYR A 240 -35.52 31.69 -9.15
C TYR A 240 -36.47 32.81 -8.70
N LYS A 241 -36.61 33.81 -9.56
CA LYS A 241 -37.54 34.91 -9.31
C LYS A 241 -38.38 35.12 -10.58
N PRO A 242 -39.73 35.19 -10.54
CA PRO A 242 -40.55 35.49 -11.73
C PRO A 242 -40.22 36.79 -12.46
N SER A 243 -39.70 37.76 -11.72
CA SER A 243 -39.31 39.05 -12.26
C SER A 243 -38.08 38.96 -13.19
N PHE A 244 -37.33 37.85 -13.19
CA PHE A 244 -36.27 37.68 -14.16
C PHE A 244 -36.74 38.10 -15.56
N PRO A 245 -35.95 38.93 -16.26
CA PRO A 245 -36.29 39.33 -17.64
C PRO A 245 -36.28 38.05 -18.45
N LYS A 246 -37.12 38.02 -19.50
CA LYS A 246 -37.25 36.80 -20.28
C LYS A 246 -36.61 37.06 -21.63
N TRP A 247 -35.40 36.54 -21.83
CA TRP A 247 -34.65 36.80 -23.04
C TRP A 247 -34.82 35.63 -23.98
N ALA A 248 -34.87 35.96 -25.28
CA ALA A 248 -34.96 34.94 -26.31
C ALA A 248 -33.62 34.21 -26.44
N ARG A 249 -33.71 32.90 -26.70
CA ARG A 249 -32.54 32.11 -27.02
C ARG A 249 -32.00 32.56 -28.37
N GLN A 250 -30.79 33.07 -28.41
CA GLN A 250 -30.23 33.40 -29.71
C GLN A 250 -29.80 32.08 -30.37
N ASP A 251 -29.82 32.07 -31.72
CA ASP A 251 -29.30 30.97 -32.53
C ASP A 251 -27.87 30.68 -32.09
N PHE A 252 -27.56 29.40 -31.91
CA PHE A 252 -26.35 28.98 -31.23
C PHE A 252 -25.09 29.16 -32.08
N SER A 253 -25.26 29.40 -33.38
CA SER A 253 -24.16 29.69 -34.27
C SER A 253 -23.67 31.14 -34.11
N LYS A 254 -24.36 31.92 -33.29
CA LYS A 254 -23.96 33.29 -33.02
C LYS A 254 -23.19 33.34 -31.70
N VAL A 255 -23.33 32.31 -30.88
CA VAL A 255 -22.64 32.29 -29.61
C VAL A 255 -21.16 32.07 -29.89
N VAL A 256 -20.82 31.19 -30.84
CA VAL A 256 -19.43 30.91 -31.16
C VAL A 256 -19.33 30.72 -32.66
N PRO A 257 -19.41 31.83 -33.42
CA PRO A 257 -19.43 31.80 -34.88
C PRO A 257 -18.42 30.95 -35.63
N PRO A 258 -17.14 30.89 -35.21
CA PRO A 258 -16.17 30.05 -35.90
C PRO A 258 -16.45 28.56 -35.75
N LEU A 259 -17.21 28.15 -34.72
CA LEU A 259 -17.45 26.72 -34.50
C LEU A 259 -18.25 26.10 -35.65
N ASP A 260 -17.89 24.87 -36.03
CA ASP A 260 -18.56 24.05 -37.04
C ASP A 260 -19.83 23.40 -36.45
N GLU A 261 -20.63 22.74 -37.29
CA GLU A 261 -21.82 22.02 -36.86
C GLU A 261 -21.59 21.10 -35.65
N ASP A 262 -20.52 20.29 -35.71
CA ASP A 262 -20.25 19.27 -34.70
C ASP A 262 -19.90 19.93 -33.37
N GLY A 263 -18.99 20.91 -33.44
CA GLY A 263 -18.62 21.71 -32.28
C GLY A 263 -19.86 22.34 -31.63
N ARG A 264 -20.73 22.95 -32.44
CA ARG A 264 -21.93 23.60 -31.92
C ARG A 264 -22.79 22.57 -31.20
N SER A 265 -23.02 21.44 -31.84
CA SER A 265 -23.81 20.39 -31.24
C SER A 265 -23.26 20.07 -29.84
N LEU A 266 -21.93 19.87 -29.75
CA LEU A 266 -21.35 19.39 -28.52
C LEU A 266 -21.44 20.51 -27.48
N LEU A 267 -21.22 21.76 -27.93
CA LEU A 267 -21.22 22.85 -26.98
C LEU A 267 -22.62 23.02 -26.44
N SER A 268 -23.62 22.92 -27.31
CA SER A 268 -25.00 23.08 -26.84
C SER A 268 -25.34 22.02 -25.79
N GLN A 269 -24.75 20.84 -25.93
CA GLN A 269 -25.14 19.78 -25.03
C GLN A 269 -24.42 19.95 -23.71
N MET A 270 -23.28 20.66 -23.76
CA MET A 270 -22.54 20.93 -22.54
C MET A 270 -23.20 22.05 -21.73
N LEU A 271 -23.95 22.93 -22.42
CA LEU A 271 -24.55 24.08 -21.77
C LEU A 271 -26.06 23.93 -21.70
N HIS A 272 -26.56 22.70 -21.70
CA HIS A 272 -27.99 22.51 -21.53
C HIS A 272 -28.38 22.99 -20.14
N TYR A 273 -29.48 23.76 -20.05
CA TYR A 273 -29.92 24.26 -18.76
C TYR A 273 -30.14 23.14 -17.76
N ASP A 274 -30.96 22.17 -18.16
CA ASP A 274 -31.41 21.07 -17.32
C ASP A 274 -30.25 20.11 -17.04
N PRO A 275 -29.78 19.99 -15.78
CA PRO A 275 -28.62 19.14 -15.46
C PRO A 275 -28.89 17.69 -15.81
N ASN A 276 -30.19 17.31 -15.90
CA ASN A 276 -30.54 15.95 -16.30
C ASN A 276 -30.26 15.67 -17.78
N LYS A 277 -30.39 16.64 -18.69
CA LYS A 277 -30.19 16.46 -20.13
C LYS A 277 -28.76 16.85 -20.55
N ARG A 278 -28.05 17.57 -19.67
CA ARG A 278 -26.70 18.00 -20.02
C ARG A 278 -25.83 16.75 -20.24
N ILE A 279 -24.98 16.79 -21.26
CA ILE A 279 -24.25 15.59 -21.64
C ILE A 279 -23.24 15.22 -20.53
N SER A 280 -22.93 13.94 -20.36
CA SER A 280 -21.91 13.49 -19.42
C SER A 280 -20.54 13.50 -20.09
N ALA A 281 -19.45 13.54 -19.30
CA ALA A 281 -18.11 13.42 -19.87
C ALA A 281 -17.94 12.13 -20.69
N LYS A 282 -18.44 11.02 -20.14
CA LYS A 282 -18.41 9.70 -20.78
C LYS A 282 -19.10 9.69 -22.15
N ALA A 283 -20.30 10.27 -22.26
CA ALA A 283 -21.04 10.31 -23.53
C ALA A 283 -20.37 11.26 -24.54
N ALA A 284 -19.83 12.35 -24.03
CA ALA A 284 -19.25 13.41 -24.84
C ALA A 284 -18.06 12.86 -25.64
N LEU A 285 -17.34 11.87 -25.06
CA LEU A 285 -16.17 11.29 -25.71
C LEU A 285 -16.53 10.69 -27.05
N ALA A 286 -17.80 10.29 -27.25
CA ALA A 286 -18.19 9.60 -28.48
C ALA A 286 -18.72 10.58 -29.54
N HIS A 287 -18.79 11.85 -29.21
CA HIS A 287 -19.41 12.84 -30.06
C HIS A 287 -18.57 13.01 -31.34
N PRO A 288 -19.24 13.17 -32.49
CA PRO A 288 -18.55 13.27 -33.79
C PRO A 288 -17.58 14.43 -33.91
N PHE A 289 -17.71 15.47 -33.07
CA PHE A 289 -16.69 16.51 -33.00
C PHE A 289 -15.27 15.92 -32.96
N PHE A 290 -15.09 14.77 -32.29
CA PHE A 290 -13.77 14.22 -32.05
C PHE A 290 -13.37 13.18 -33.12
N GLN A 291 -14.17 13.00 -34.19
CA GLN A 291 -13.90 11.94 -35.16
C GLN A 291 -12.45 11.95 -35.64
N ASP A 292 -11.77 13.10 -35.66
CA ASP A 292 -10.46 13.13 -36.32
C ASP A 292 -9.38 13.55 -35.31
N VAL A 293 -9.66 13.39 -34.01
CA VAL A 293 -8.82 13.95 -32.97
C VAL A 293 -7.47 13.23 -32.92
N THR A 294 -6.45 13.96 -32.45
CA THR A 294 -5.06 13.52 -32.32
C THR A 294 -4.48 14.13 -31.03
N LYS A 295 -3.18 13.94 -30.77
CA LYS A 295 -2.57 14.58 -29.61
C LYS A 295 -1.34 15.41 -30.02
N PRO A 296 -1.50 16.56 -30.73
CA PRO A 296 -0.33 17.33 -31.16
C PRO A 296 0.22 18.19 -30.02
N VAL A 297 1.52 18.50 -30.09
CA VAL A 297 2.23 19.35 -29.15
C VAL A 297 1.69 20.77 -29.25
N PRO A 298 1.86 21.61 -28.21
CA PRO A 298 1.48 23.01 -28.30
C PRO A 298 2.45 23.68 -29.28
N HIS A 299 1.93 24.70 -29.98
CA HIS A 299 2.57 25.34 -31.11
C HIS A 299 3.61 26.39 -30.69
N LEU A 300 3.75 26.65 -29.37
CA LEU A 300 4.49 27.82 -28.91
C LEU A 300 5.68 27.42 -28.03
N GLY B 1 -32.46 11.10 -12.45
CA GLY B 1 -31.64 12.12 -13.12
C GLY B 1 -30.20 12.19 -12.55
N VAL B 2 -29.56 13.32 -12.86
CA VAL B 2 -28.13 13.44 -12.73
C VAL B 2 -27.71 13.37 -11.25
N ASN B 3 -28.64 13.60 -10.31
CA ASN B 3 -28.32 13.53 -8.88
C ASN B 3 -28.07 12.09 -8.45
N GLU B 4 -28.53 11.15 -9.27
CA GLU B 4 -28.32 9.72 -9.06
C GLU B 4 -27.26 9.20 -10.05
N VAL B 5 -26.57 10.10 -10.77
CA VAL B 5 -25.45 9.81 -11.66
C VAL B 5 -25.62 8.52 -12.45
N PRO B 6 -26.66 8.41 -13.30
CA PRO B 6 -26.84 7.24 -14.16
C PRO B 6 -25.67 6.81 -15.06
N ASP B 7 -24.83 7.76 -15.53
CA ASP B 7 -23.72 7.34 -16.36
C ASP B 7 -22.52 6.85 -15.53
N TYR B 8 -22.56 6.99 -14.21
CA TYR B 8 -21.42 6.66 -13.37
C TYR B 8 -21.78 5.77 -12.18
N HIS B 9 -23.05 5.40 -11.97
CA HIS B 9 -23.41 4.70 -10.72
C HIS B 9 -22.78 3.30 -10.64
N GLU B 10 -22.77 2.54 -11.75
CA GLU B 10 -22.13 1.24 -11.80
C GLU B 10 -20.63 1.34 -11.53
N ASP B 11 -19.91 2.15 -12.33
CA ASP B 11 -18.49 2.41 -12.14
C ASP B 11 -18.24 2.71 -10.66
N ILE B 12 -19.06 3.59 -10.06
CA ILE B 12 -18.83 4.00 -8.68
C ILE B 12 -18.99 2.79 -7.77
N HIS B 13 -20.11 2.06 -7.93
CA HIS B 13 -20.35 0.91 -7.08
C HIS B 13 -19.16 -0.07 -7.20
N THR B 14 -18.75 -0.41 -8.43
CA THR B 14 -17.61 -1.29 -8.63
C THR B 14 -16.37 -0.78 -7.90
N TYR B 15 -16.13 0.54 -7.93
CA TYR B 15 -14.94 1.15 -7.36
C TYR B 15 -14.97 1.12 -5.83
N LEU B 16 -16.15 1.35 -5.24
CA LEU B 16 -16.31 1.28 -3.80
C LEU B 16 -16.10 -0.14 -3.28
N ARG B 17 -16.51 -1.13 -4.08
CA ARG B 17 -16.39 -2.53 -3.71
C ARG B 17 -14.92 -2.95 -3.59
N GLU B 18 -14.13 -2.42 -4.52
CA GLU B 18 -12.70 -2.65 -4.52
C GLU B 18 -12.07 -1.92 -3.35
N MET B 19 -12.55 -0.69 -3.06
CA MET B 19 -11.91 0.15 -2.07
C MET B 19 -12.27 -0.34 -0.66
N GLU B 20 -13.44 -0.93 -0.47
CA GLU B 20 -13.82 -1.40 0.86
C GLU B 20 -12.91 -2.55 1.32
N VAL B 21 -12.47 -3.38 0.38
CA VAL B 21 -11.44 -4.37 0.62
C VAL B 21 -10.10 -3.72 1.01
N LYS B 22 -9.69 -2.62 0.36
CA LYS B 22 -8.45 -1.94 0.75
C LYS B 22 -8.58 -1.17 2.06
N CYS B 23 -9.77 -0.62 2.38
CA CYS B 23 -9.92 0.22 3.57
C CYS B 23 -10.40 -0.62 4.76
N LYS B 24 -10.12 -1.94 4.70
CA LYS B 24 -10.72 -2.84 5.68
C LYS B 24 -9.82 -2.98 6.91
N PRO B 25 -10.41 -2.90 8.13
CA PRO B 25 -9.62 -3.15 9.33
C PRO B 25 -9.30 -4.62 9.49
N LYS B 26 -8.36 -4.92 10.37
CA LYS B 26 -8.02 -6.32 10.68
C LYS B 26 -9.10 -6.87 11.60
N VAL B 27 -9.72 -7.98 11.21
CA VAL B 27 -10.84 -8.55 12.01
C VAL B 27 -10.34 -8.91 13.41
N GLY B 28 -9.07 -9.32 13.55
CA GLY B 28 -8.66 -9.76 14.89
C GLY B 28 -7.77 -8.78 15.61
N TYR B 29 -7.96 -7.56 15.63
CA TYR B 29 -7.00 -6.59 16.23
C TYR B 29 -7.27 -6.38 17.70
N MET B 30 -8.59 -6.61 18.12
CA MET B 30 -8.83 -6.34 19.56
C MET B 30 -8.05 -7.33 20.43
N LYS B 31 -7.98 -8.57 19.99
CA LYS B 31 -7.30 -9.55 20.82
C LYS B 31 -5.81 -9.20 20.94
N LYS B 32 -5.29 -8.44 19.98
CA LYS B 32 -3.89 -8.04 19.96
C LYS B 32 -3.69 -6.65 20.56
N GLN B 33 -4.78 -6.00 20.97
CA GLN B 33 -4.68 -4.79 21.78
C GLN B 33 -4.61 -5.18 23.26
N PRO B 34 -3.49 -4.91 23.96
CA PRO B 34 -3.30 -5.42 25.34
C PRO B 34 -4.27 -4.81 26.34
N ASP B 35 -4.66 -3.55 26.13
CA ASP B 35 -5.29 -2.73 27.16
C ASP B 35 -6.72 -2.29 26.83
N ILE B 36 -7.21 -2.59 25.62
CA ILE B 36 -8.56 -2.22 25.25
C ILE B 36 -9.36 -3.41 24.69
N THR B 37 -10.69 -3.25 24.73
CA THR B 37 -11.62 -4.35 24.57
C THR B 37 -12.74 -3.93 23.62
N ASN B 38 -13.54 -4.90 23.19
CA ASN B 38 -14.70 -4.59 22.35
C ASN B 38 -15.62 -3.63 23.08
N SER B 39 -15.71 -3.80 24.40
CA SER B 39 -16.58 -3.02 25.26
C SER B 39 -16.12 -1.56 25.35
N MET B 40 -14.80 -1.31 25.44
CA MET B 40 -14.29 0.06 25.46
C MET B 40 -14.55 0.72 24.12
N ARG B 41 -14.36 -0.03 23.03
CA ARG B 41 -14.64 0.53 21.72
C ARG B 41 -16.13 0.87 21.61
N ALA B 42 -17.01 0.04 22.20
CA ALA B 42 -18.44 0.27 22.07
C ALA B 42 -18.83 1.57 22.76
N ILE B 43 -18.26 1.78 23.96
CA ILE B 43 -18.42 3.01 24.70
C ILE B 43 -17.98 4.20 23.84
N LEU B 44 -16.85 4.05 23.13
CA LEU B 44 -16.32 5.15 22.36
C LEU B 44 -17.27 5.47 21.19
N VAL B 45 -17.67 4.42 20.48
CA VAL B 45 -18.47 4.64 19.31
C VAL B 45 -19.80 5.26 19.73
N ASP B 46 -20.33 4.84 20.87
CA ASP B 46 -21.65 5.28 21.30
C ASP B 46 -21.58 6.76 21.66
N TRP B 47 -20.43 7.17 22.25
CA TRP B 47 -20.10 8.56 22.50
C TRP B 47 -19.98 9.40 21.20
N LEU B 48 -19.33 8.86 20.17
CA LEU B 48 -19.21 9.58 18.91
C LEU B 48 -20.59 9.76 18.28
N VAL B 49 -21.50 8.80 18.53
CA VAL B 49 -22.86 8.96 18.06
C VAL B 49 -23.46 10.20 18.72
N GLU B 50 -23.29 10.30 20.04
CA GLU B 50 -23.79 11.47 20.76
C GLU B 50 -23.10 12.75 20.28
N VAL B 51 -21.79 12.70 20.03
CA VAL B 51 -21.12 13.90 19.56
C VAL B 51 -21.74 14.39 18.24
N GLY B 52 -22.01 13.49 17.31
CA GLY B 52 -22.58 13.89 16.01
C GLY B 52 -23.95 14.50 16.19
N GLU B 53 -24.75 13.99 17.13
CA GLU B 53 -26.09 14.54 17.42
C GLU B 53 -25.96 15.96 17.96
N GLU B 54 -25.06 16.14 18.92
CA GLU B 54 -24.84 17.48 19.51
C GLU B 54 -24.40 18.45 18.41
N TYR B 55 -23.54 18.04 17.50
CA TYR B 55 -23.00 19.01 16.51
C TYR B 55 -23.77 18.94 15.21
N LYS B 56 -24.87 18.20 15.21
CA LYS B 56 -25.73 18.08 14.02
C LYS B 56 -24.85 17.70 12.83
N LEU B 57 -24.13 16.59 12.98
CA LEU B 57 -23.19 16.15 11.92
C LEU B 57 -23.82 15.06 11.08
N GLN B 58 -23.45 14.97 9.82
CA GLN B 58 -23.88 13.92 8.93
C GLN B 58 -23.62 12.56 9.56
N ASN B 59 -24.52 11.61 9.25
CA ASN B 59 -24.31 10.20 9.55
C ASN B 59 -23.06 9.65 8.83
N GLU B 60 -22.81 10.13 7.60
CA GLU B 60 -21.63 9.71 6.87
C GLU B 60 -20.36 10.00 7.66
N THR B 61 -20.27 11.17 8.32
CA THR B 61 -19.11 11.56 9.09
C THR B 61 -18.82 10.57 10.22
N LEU B 62 -19.88 10.18 10.95
CA LEU B 62 -19.79 9.18 12.01
C LEU B 62 -19.22 7.88 11.48
N HIS B 63 -19.74 7.39 10.36
CA HIS B 63 -19.23 6.15 9.77
C HIS B 63 -17.75 6.24 9.36
N LEU B 64 -17.35 7.37 8.73
CA LEU B 64 -15.96 7.60 8.38
C LEU B 64 -15.10 7.52 9.64
N ALA B 65 -15.56 8.10 10.74
CA ALA B 65 -14.70 8.24 11.91
C ALA B 65 -14.36 6.85 12.46
N VAL B 66 -15.40 6.00 12.48
CA VAL B 66 -15.26 4.65 12.97
C VAL B 66 -14.33 3.90 11.99
N ASN B 67 -14.49 4.10 10.67
CA ASN B 67 -13.58 3.44 9.73
C ASN B 67 -12.16 3.81 10.10
N TYR B 68 -11.92 5.11 10.35
CA TYR B 68 -10.58 5.59 10.69
C TYR B 68 -10.06 4.98 12.00
N ILE B 69 -10.97 4.88 13.00
CA ILE B 69 -10.56 4.37 14.31
C ILE B 69 -10.12 2.93 14.17
N ASP B 70 -10.92 2.13 13.45
CA ASP B 70 -10.71 0.70 13.40
C ASP B 70 -9.42 0.41 12.64
N ARG B 71 -9.20 1.18 11.58
CA ARG B 71 -8.00 1.00 10.78
C ARG B 71 -6.79 1.39 11.64
N PHE B 72 -6.93 2.45 12.43
CA PHE B 72 -5.81 2.92 13.23
C PHE B 72 -5.45 1.86 14.28
N LEU B 73 -6.49 1.32 14.93
CA LEU B 73 -6.29 0.37 16.02
C LEU B 73 -5.77 -0.96 15.49
N SER B 74 -5.86 -1.12 14.16
CA SER B 74 -5.34 -2.30 13.50
C SER B 74 -3.81 -2.34 13.48
N SER B 75 -3.13 -1.17 13.50
CA SER B 75 -1.68 -1.19 13.51
C SER B 75 -1.09 -0.52 14.75
N MET B 76 -1.93 0.15 15.58
CA MET B 76 -1.36 0.97 16.65
C MET B 76 -1.96 0.56 18.00
N SER B 77 -1.09 0.10 18.87
CA SER B 77 -1.44 -0.33 20.19
C SER B 77 -1.75 0.93 21.00
N VAL B 78 -2.87 0.96 21.73
CA VAL B 78 -3.33 2.18 22.40
C VAL B 78 -3.77 1.90 23.84
N LEU B 79 -3.24 2.66 24.82
CA LEU B 79 -3.68 2.59 26.21
C LEU B 79 -5.12 3.11 26.29
N ARG B 80 -5.93 2.55 27.21
CA ARG B 80 -7.34 2.93 27.37
C ARG B 80 -7.48 4.43 27.65
N GLY B 81 -6.55 5.03 28.43
CA GLY B 81 -6.54 6.46 28.70
C GLY B 81 -6.40 7.34 27.45
N LYS B 82 -5.98 6.74 26.32
CA LYS B 82 -5.78 7.50 25.10
C LYS B 82 -6.78 7.08 24.03
N LEU B 83 -7.64 6.12 24.34
CA LEU B 83 -8.57 5.63 23.33
C LEU B 83 -9.41 6.79 22.78
N GLN B 84 -9.84 7.71 23.67
CA GLN B 84 -10.76 8.78 23.32
C GLN B 84 -10.06 9.88 22.50
N LEU B 85 -8.74 10.02 22.70
CA LEU B 85 -8.01 11.02 21.96
C LEU B 85 -8.00 10.62 20.50
N VAL B 86 -7.84 9.32 20.25
CA VAL B 86 -7.83 8.77 18.90
C VAL B 86 -9.17 9.04 18.27
N GLY B 87 -10.24 8.75 19.01
CA GLY B 87 -11.59 8.91 18.49
C GLY B 87 -11.93 10.38 18.19
N THR B 88 -11.46 11.27 19.05
CA THR B 88 -11.64 12.70 18.83
C THR B 88 -10.92 13.10 17.54
N ALA B 89 -9.64 12.73 17.37
CA ALA B 89 -8.91 13.09 16.15
C ALA B 89 -9.56 12.46 14.92
N ALA B 90 -10.13 11.28 15.12
CA ALA B 90 -10.79 10.61 14.03
C ALA B 90 -12.02 11.43 13.60
N MET B 91 -12.83 11.89 14.57
CA MET B 91 -14.06 12.62 14.29
C MET B 91 -13.76 14.00 13.68
N LEU B 92 -12.65 14.64 14.09
CA LEU B 92 -12.23 15.89 13.49
C LEU B 92 -11.88 15.74 12.01
N LEU B 93 -11.11 14.69 11.71
CA LEU B 93 -10.65 14.43 10.35
C LEU B 93 -11.88 14.11 9.49
N ALA B 94 -12.77 13.23 9.98
CA ALA B 94 -13.98 12.87 9.25
C ALA B 94 -14.81 14.12 8.94
N SER B 95 -14.99 14.97 9.95
CA SER B 95 -15.70 16.23 9.85
C SER B 95 -15.05 17.14 8.80
N LYS B 96 -13.72 17.31 8.83
CA LYS B 96 -13.08 18.14 7.83
C LYS B 96 -13.26 17.52 6.44
N PHE B 97 -13.35 16.19 6.34
CA PHE B 97 -13.49 15.57 5.04
C PHE B 97 -14.90 15.76 4.48
N GLU B 98 -15.91 15.56 5.34
CA GLU B 98 -17.24 15.25 4.89
C GLU B 98 -18.20 16.43 5.07
N GLU B 99 -17.98 17.26 6.10
CA GLU B 99 -18.94 18.28 6.49
C GLU B 99 -18.67 19.60 5.77
N ILE B 100 -19.77 20.34 5.48
CA ILE B 100 -19.69 21.67 4.90
C ILE B 100 -19.10 22.60 5.96
N TYR B 101 -19.58 22.48 7.21
CA TYR B 101 -19.13 23.30 8.32
C TYR B 101 -18.64 22.42 9.47
N PRO B 102 -17.39 21.90 9.44
CA PRO B 102 -16.90 21.10 10.55
C PRO B 102 -16.89 21.98 11.80
N PRO B 103 -17.09 21.40 13.00
CA PRO B 103 -16.83 22.10 14.26
C PRO B 103 -15.36 22.49 14.39
N GLU B 104 -15.11 23.57 15.12
CA GLU B 104 -13.74 24.04 15.30
C GLU B 104 -13.03 23.06 16.23
N VAL B 105 -11.71 23.02 16.14
CA VAL B 105 -10.89 22.17 16.99
C VAL B 105 -11.22 22.39 18.46
N ALA B 106 -11.38 23.65 18.89
CA ALA B 106 -11.72 23.96 20.28
C ALA B 106 -12.95 23.17 20.74
N GLU B 107 -13.91 22.97 19.84
CA GLU B 107 -15.14 22.26 20.17
C GLU B 107 -14.87 20.78 20.42
N PHE B 108 -14.06 20.16 19.55
CA PHE B 108 -13.56 18.81 19.78
C PHE B 108 -12.82 18.71 21.13
N VAL B 109 -11.97 19.69 21.49
CA VAL B 109 -11.34 19.69 22.78
C VAL B 109 -12.40 19.73 23.88
N TYR B 110 -13.45 20.53 23.68
CA TYR B 110 -14.46 20.75 24.70
C TYR B 110 -15.30 19.49 24.93
N ILE B 111 -15.59 18.70 23.89
CA ILE B 111 -16.44 17.54 24.14
C ILE B 111 -15.69 16.44 24.88
N THR B 112 -14.36 16.57 25.00
CA THR B 112 -13.56 15.59 25.72
C THR B 112 -13.43 15.92 27.21
N ASP B 113 -14.10 17.00 27.68
CA ASP B 113 -14.06 17.47 29.06
C ASP B 113 -12.66 17.87 29.54
N ASP B 114 -11.85 18.41 28.62
CA ASP B 114 -10.50 18.89 28.92
C ASP B 114 -9.64 17.77 29.49
N THR B 115 -10.00 16.53 29.13
CA THR B 115 -9.13 15.39 29.30
C THR B 115 -7.87 15.67 28.48
N TYR B 116 -8.05 16.21 27.28
CA TYR B 116 -6.93 16.42 26.37
C TYR B 116 -6.77 17.90 26.04
N THR B 117 -5.56 18.23 25.60
CA THR B 117 -5.25 19.58 25.18
C THR B 117 -5.50 19.70 23.69
N LYS B 118 -5.62 20.95 23.23
CA LYS B 118 -5.67 21.28 21.81
C LYS B 118 -4.40 20.76 21.13
N LYS B 119 -3.26 20.78 21.83
CA LYS B 119 -2.00 20.34 21.27
C LYS B 119 -2.04 18.83 21.08
N GLN B 120 -2.57 18.10 22.08
CA GLN B 120 -2.76 16.66 21.96
C GLN B 120 -3.69 16.29 20.79
N VAL B 121 -4.80 17.00 20.63
CA VAL B 121 -5.72 16.67 19.57
C VAL B 121 -5.07 16.90 18.20
N LEU B 122 -4.33 17.98 18.04
CA LEU B 122 -3.78 18.29 16.71
C LEU B 122 -2.62 17.34 16.39
N ARG B 123 -1.95 16.85 17.42
CA ARG B 123 -0.79 15.93 17.22
C ARG B 123 -1.33 14.55 16.88
N MET B 124 -2.41 14.11 17.52
CA MET B 124 -3.04 12.83 17.14
C MET B 124 -3.61 12.98 15.73
N GLU B 125 -4.02 14.17 15.32
CA GLU B 125 -4.62 14.28 13.96
C GLU B 125 -3.52 13.94 12.95
N HIS B 126 -2.33 14.46 13.17
CA HIS B 126 -1.18 14.21 12.25
C HIS B 126 -0.84 12.72 12.27
N LEU B 127 -0.93 12.08 13.44
CA LEU B 127 -0.57 10.64 13.56
C LEU B 127 -1.55 9.76 12.80
N VAL B 128 -2.85 10.02 12.95
CA VAL B 128 -3.89 9.23 12.23
C VAL B 128 -3.68 9.46 10.74
N LEU B 129 -3.36 10.69 10.35
CA LEU B 129 -3.10 10.98 8.92
C LEU B 129 -1.84 10.24 8.45
N LYS B 130 -0.85 10.07 9.32
CA LYS B 130 0.35 9.35 8.94
C LYS B 130 0.05 7.84 8.87
N VAL B 131 -0.60 7.32 9.90
CA VAL B 131 -0.93 5.90 9.93
C VAL B 131 -1.87 5.53 8.78
N LEU B 132 -2.82 6.39 8.43
CA LEU B 132 -3.75 6.06 7.36
C LEU B 132 -3.16 6.45 5.99
N ALA B 133 -2.01 7.14 5.99
CA ALA B 133 -1.39 7.74 4.81
C ALA B 133 -2.38 8.58 3.99
N PHE B 134 -3.24 9.33 4.68
CA PHE B 134 -4.23 10.25 4.11
C PHE B 134 -5.29 9.50 3.30
N ASP B 135 -5.42 8.19 3.49
CA ASP B 135 -6.42 7.45 2.75
C ASP B 135 -7.76 7.59 3.47
N LEU B 136 -8.45 8.72 3.30
CA LEU B 136 -9.67 9.02 4.05
C LEU B 136 -10.97 8.81 3.28
N ALA B 137 -10.90 8.68 1.94
CA ALA B 137 -12.10 8.50 1.11
C ALA B 137 -12.53 7.04 1.16
N ALA B 138 -12.86 6.57 2.37
CA ALA B 138 -13.26 5.20 2.63
C ALA B 138 -14.73 4.96 2.32
N PRO B 139 -15.07 3.84 1.66
CA PRO B 139 -16.48 3.44 1.57
C PRO B 139 -17.07 3.15 2.95
N THR B 140 -18.31 3.61 3.15
CA THR B 140 -19.09 3.46 4.38
C THR B 140 -20.34 2.62 4.07
N ILE B 141 -20.95 2.08 5.13
CA ILE B 141 -22.22 1.39 4.97
C ILE B 141 -23.23 2.29 4.28
N ASN B 142 -23.15 3.61 4.54
CA ASN B 142 -24.16 4.57 4.07
C ASN B 142 -24.09 4.76 2.56
N GLN B 143 -22.85 4.73 2.04
CA GLN B 143 -22.67 4.95 0.60
C GLN B 143 -23.26 3.79 -0.19
N PHE B 144 -23.23 2.58 0.40
CA PHE B 144 -23.91 1.46 -0.24
C PHE B 144 -25.42 1.59 -0.04
N LEU B 145 -25.85 1.87 1.20
CA LEU B 145 -27.28 1.96 1.52
C LEU B 145 -27.99 2.89 0.54
N THR B 146 -27.42 4.09 0.33
CA THR B 146 -28.10 5.12 -0.44
C THR B 146 -28.32 4.66 -1.87
N GLN B 147 -27.42 3.80 -2.40
CA GLN B 147 -27.60 3.24 -3.74
C GLN B 147 -28.63 2.12 -3.71
N TYR B 148 -28.58 1.30 -2.65
CA TYR B 148 -29.55 0.23 -2.52
C TYR B 148 -30.94 0.86 -2.49
N PHE B 149 -31.05 2.04 -1.87
CA PHE B 149 -32.33 2.71 -1.71
C PHE B 149 -33.00 2.95 -3.08
N LEU B 150 -32.21 3.20 -4.13
CA LEU B 150 -32.77 3.53 -5.42
C LEU B 150 -33.53 2.36 -6.04
N HIS B 151 -33.42 1.17 -5.43
CA HIS B 151 -34.11 0.00 -5.97
C HIS B 151 -35.50 -0.23 -5.35
N GLN B 152 -35.86 0.58 -4.34
CA GLN B 152 -37.17 0.44 -3.68
C GLN B 152 -38.28 0.77 -4.67
N GLN B 153 -39.34 -0.04 -4.67
CA GLN B 153 -40.52 0.22 -5.54
C GLN B 153 -41.80 -0.01 -4.73
N PRO B 154 -42.40 1.05 -4.13
CA PRO B 154 -41.82 2.38 -4.21
C PRO B 154 -40.91 2.70 -3.05
N ALA B 155 -40.47 3.94 -2.96
CA ALA B 155 -39.54 4.35 -1.89
C ALA B 155 -40.30 4.50 -0.56
N ASN B 156 -39.70 4.02 0.52
CA ASN B 156 -40.32 4.14 1.87
C ASN B 156 -39.29 4.76 2.80
N CYS B 157 -39.61 5.93 3.36
CA CYS B 157 -38.70 6.65 4.28
C CYS B 157 -38.51 5.84 5.56
N LYS B 158 -39.50 5.04 5.93
CA LYS B 158 -39.33 4.16 7.09
C LYS B 158 -38.32 3.07 6.75
N VAL B 159 -38.41 2.49 5.55
CA VAL B 159 -37.43 1.52 5.11
C VAL B 159 -36.06 2.17 5.21
N GLU B 160 -35.89 3.34 4.59
CA GLU B 160 -34.58 3.99 4.55
C GLU B 160 -34.06 4.31 5.95
N SER B 161 -34.89 4.89 6.83
CA SER B 161 -34.43 5.31 8.15
C SER B 161 -34.08 4.07 8.99
N LEU B 162 -34.86 3.00 8.82
CA LEU B 162 -34.66 1.78 9.57
C LEU B 162 -33.40 1.09 9.09
N ALA B 163 -33.08 1.18 7.80
CA ALA B 163 -31.82 0.61 7.34
C ALA B 163 -30.63 1.40 7.92
N MET B 164 -30.70 2.73 7.93
CA MET B 164 -29.66 3.60 8.48
C MET B 164 -29.40 3.18 9.93
N PHE B 165 -30.48 3.06 10.72
CA PHE B 165 -30.44 2.68 12.11
C PHE B 165 -29.67 1.39 12.32
N LEU B 166 -30.04 0.35 11.57
CA LEU B 166 -29.47 -0.97 11.75
C LEU B 166 -27.97 -0.93 11.43
N GLY B 167 -27.63 -0.39 10.25
CA GLY B 167 -26.24 -0.25 9.87
C GLY B 167 -25.50 0.48 10.99
N GLU B 168 -26.11 1.52 11.57
CA GLU B 168 -25.45 2.30 12.61
C GLU B 168 -25.22 1.46 13.87
N LEU B 169 -26.21 0.64 14.24
CA LEU B 169 -26.04 -0.27 15.37
C LEU B 169 -24.77 -1.12 15.20
N SER B 170 -24.49 -1.53 13.98
CA SER B 170 -23.38 -2.43 13.69
C SER B 170 -22.03 -1.75 13.99
N LEU B 171 -21.94 -0.41 13.92
CA LEU B 171 -20.69 0.26 14.29
C LEU B 171 -20.28 -0.03 15.74
N ILE B 172 -21.25 -0.37 16.60
CA ILE B 172 -21.02 -0.37 18.04
C ILE B 172 -20.20 -1.61 18.46
N ASP B 173 -20.45 -2.71 17.76
CA ASP B 173 -19.89 -4.02 18.17
C ASP B 173 -18.91 -4.61 17.14
N ALA B 174 -17.62 -4.54 17.44
CA ALA B 174 -16.58 -5.12 16.56
C ALA B 174 -16.88 -6.61 16.39
N ASP B 175 -17.31 -7.26 17.47
CA ASP B 175 -17.75 -8.68 17.38
C ASP B 175 -19.27 -8.67 17.33
N PRO B 176 -19.91 -8.93 16.18
CA PRO B 176 -19.22 -9.52 15.05
C PRO B 176 -19.07 -8.77 13.75
N TYR B 177 -19.30 -7.47 13.72
CA TYR B 177 -19.38 -6.74 12.44
C TYR B 177 -18.03 -6.42 11.82
N LEU B 178 -16.93 -6.55 12.57
CA LEU B 178 -15.61 -6.33 11.94
C LEU B 178 -15.38 -7.42 10.89
N LYS B 179 -16.15 -8.51 10.93
CA LYS B 179 -15.88 -9.58 10.01
C LYS B 179 -16.57 -9.31 8.67
N TYR B 180 -17.48 -8.32 8.64
CA TYR B 180 -18.27 -8.05 7.45
C TYR B 180 -17.94 -6.70 6.82
N LEU B 181 -17.94 -6.69 5.48
CA LEU B 181 -17.64 -5.50 4.68
C LEU B 181 -18.83 -4.55 4.76
N PRO B 182 -18.57 -3.25 4.63
CA PRO B 182 -19.63 -2.24 4.51
C PRO B 182 -20.77 -2.66 3.59
N SER B 183 -20.44 -3.24 2.42
CA SER B 183 -21.43 -3.49 1.39
C SER B 183 -22.40 -4.60 1.81
N VAL B 184 -21.89 -5.55 2.62
CA VAL B 184 -22.62 -6.71 3.05
C VAL B 184 -23.47 -6.35 4.27
N ILE B 185 -22.95 -5.51 5.16
CA ILE B 185 -23.80 -5.03 6.24
C ILE B 185 -24.96 -4.15 5.72
N ALA B 186 -24.69 -3.36 4.68
CA ALA B 186 -25.68 -2.47 4.11
C ALA B 186 -26.76 -3.31 3.46
N ALA B 187 -26.35 -4.46 2.93
CA ALA B 187 -27.29 -5.31 2.24
C ALA B 187 -28.16 -6.02 3.29
N ALA B 188 -27.56 -6.46 4.40
CA ALA B 188 -28.32 -7.09 5.47
C ALA B 188 -29.32 -6.10 6.07
N ALA B 189 -28.84 -4.88 6.28
CA ALA B 189 -29.62 -3.83 6.89
C ALA B 189 -30.81 -3.47 5.99
N PHE B 190 -30.55 -3.32 4.67
CA PHE B 190 -31.59 -2.96 3.73
C PHE B 190 -32.69 -4.04 3.71
N HIS B 191 -32.31 -5.31 3.67
CA HIS B 191 -33.28 -6.39 3.60
C HIS B 191 -34.06 -6.48 4.90
N LEU B 192 -33.35 -6.28 6.01
CA LEU B 192 -34.01 -6.45 7.29
C LEU B 192 -35.03 -5.33 7.50
N ALA B 193 -34.68 -4.12 7.03
CA ALA B 193 -35.54 -2.95 7.08
C ALA B 193 -36.76 -3.15 6.20
N LEU B 194 -36.52 -3.61 4.99
CA LEU B 194 -37.57 -3.79 4.01
C LEU B 194 -38.54 -4.85 4.51
N TYR B 195 -38.01 -5.94 5.04
CA TYR B 195 -38.83 -7.05 5.54
C TYR B 195 -39.67 -6.60 6.73
N THR B 196 -39.03 -5.89 7.66
CA THR B 196 -39.72 -5.40 8.85
C THR B 196 -40.87 -4.48 8.46
N VAL B 197 -40.65 -3.50 7.58
CA VAL B 197 -41.63 -2.46 7.35
C VAL B 197 -42.71 -2.95 6.39
N THR B 198 -42.31 -3.63 5.29
CA THR B 198 -43.23 -3.94 4.18
C THR B 198 -43.42 -5.45 3.96
N GLY B 199 -42.60 -6.29 4.60
CA GLY B 199 -42.75 -7.71 4.36
C GLY B 199 -41.97 -8.20 3.14
N GLN B 200 -41.36 -7.30 2.36
CA GLN B 200 -40.71 -7.68 1.12
C GLN B 200 -39.24 -8.05 1.35
N SER B 201 -38.59 -8.58 0.32
CA SER B 201 -37.22 -9.09 0.51
C SER B 201 -36.20 -8.47 -0.46
N TRP B 202 -34.92 -8.75 -0.24
CA TRP B 202 -33.83 -8.31 -1.13
C TRP B 202 -34.26 -8.47 -2.58
N PRO B 203 -34.32 -7.38 -3.35
CA PRO B 203 -34.79 -7.47 -4.72
C PRO B 203 -33.90 -8.08 -5.78
N GLU B 204 -34.51 -8.78 -6.73
CA GLU B 204 -33.79 -9.35 -7.87
C GLU B 204 -32.79 -8.33 -8.40
N SER B 205 -33.23 -7.07 -8.45
CA SER B 205 -32.46 -6.00 -9.06
C SER B 205 -31.16 -5.73 -8.28
N LEU B 206 -31.15 -5.96 -6.96
CA LEU B 206 -29.92 -5.76 -6.19
C LEU B 206 -29.04 -7.01 -6.23
N VAL B 207 -29.66 -8.17 -6.50
CA VAL B 207 -28.88 -9.36 -6.80
C VAL B 207 -28.04 -9.09 -8.05
N GLN B 208 -28.65 -8.51 -9.09
CA GLN B 208 -27.96 -8.16 -10.31
C GLN B 208 -26.83 -7.16 -10.06
N LYS B 209 -27.11 -6.11 -9.26
CA LYS B 209 -26.14 -5.06 -9.05
C LYS B 209 -24.94 -5.56 -8.23
N THR B 210 -25.22 -6.36 -7.18
CA THR B 210 -24.26 -6.68 -6.11
C THR B 210 -23.66 -8.07 -6.28
N GLY B 211 -24.43 -8.99 -6.84
CA GLY B 211 -24.07 -10.41 -6.79
C GLY B 211 -24.44 -11.09 -5.47
N TYR B 212 -24.94 -10.34 -4.50
CA TYR B 212 -25.33 -10.91 -3.22
C TYR B 212 -26.76 -11.44 -3.32
N THR B 213 -26.96 -12.61 -2.71
CA THR B 213 -28.27 -13.23 -2.51
C THR B 213 -28.55 -13.33 -1.01
N LEU B 214 -29.76 -13.76 -0.66
CA LEU B 214 -30.04 -14.07 0.74
C LEU B 214 -29.18 -15.24 1.23
N GLU B 215 -28.78 -16.13 0.31
CA GLU B 215 -27.80 -17.17 0.65
C GLU B 215 -26.52 -16.54 1.21
N THR B 216 -26.02 -15.46 0.59
CA THR B 216 -24.69 -15.00 0.92
C THR B 216 -24.74 -13.98 2.05
N LEU B 217 -25.90 -13.33 2.22
CA LEU B 217 -26.08 -12.35 3.29
C LEU B 217 -26.53 -12.99 4.60
N LYS B 218 -26.98 -14.25 4.54
CA LYS B 218 -27.56 -14.95 5.67
C LYS B 218 -26.72 -14.86 6.94
N PRO B 219 -25.38 -15.08 6.93
CA PRO B 219 -24.59 -14.87 8.14
C PRO B 219 -24.71 -13.48 8.80
N CYS B 220 -24.57 -12.40 8.04
CA CYS B 220 -24.69 -11.02 8.60
C CYS B 220 -26.14 -10.76 9.03
N LEU B 221 -27.11 -11.27 8.26
CA LEU B 221 -28.54 -11.08 8.60
C LEU B 221 -28.84 -11.71 9.96
N LEU B 222 -28.38 -12.93 10.19
CA LEU B 222 -28.67 -13.62 11.48
C LEU B 222 -28.04 -12.82 12.61
N ASP B 223 -26.87 -12.24 12.38
CA ASP B 223 -26.24 -11.42 13.40
C ASP B 223 -27.01 -10.10 13.57
N LEU B 224 -27.30 -9.41 12.46
CA LEU B 224 -28.01 -8.14 12.51
C LEU B 224 -29.40 -8.30 13.16
N HIS B 225 -30.07 -9.40 12.83
CA HIS B 225 -31.38 -9.67 13.36
C HIS B 225 -31.29 -9.84 14.88
N GLN B 226 -30.22 -10.48 15.38
CA GLN B 226 -30.04 -10.63 16.83
C GLN B 226 -29.78 -9.23 17.40
N THR B 227 -28.95 -8.46 16.71
CA THR B 227 -28.57 -7.18 17.30
C THR B 227 -29.82 -6.32 17.42
N TYR B 228 -30.69 -6.36 16.41
CA TYR B 228 -31.96 -5.63 16.43
C TYR B 228 -32.84 -6.09 17.59
N LEU B 229 -33.00 -7.40 17.80
CA LEU B 229 -33.87 -7.94 18.84
C LEU B 229 -33.38 -7.52 20.23
N ARG B 230 -32.03 -7.46 20.39
CA ARG B 230 -31.41 -7.25 21.69
C ARG B 230 -31.13 -5.78 21.95
N ALA B 231 -31.46 -4.89 21.00
CA ALA B 231 -31.00 -3.51 21.05
C ALA B 231 -31.57 -2.80 22.28
N PRO B 232 -32.82 -3.04 22.68
CA PRO B 232 -33.31 -2.44 23.93
C PRO B 232 -32.47 -2.77 25.17
N GLN B 233 -31.79 -3.93 25.19
CA GLN B 233 -30.99 -4.33 26.34
C GLN B 233 -29.52 -3.93 26.24
N HIS B 234 -29.02 -3.64 25.02
CA HIS B 234 -27.60 -3.30 24.87
C HIS B 234 -27.24 -2.19 25.86
N ALA B 235 -26.06 -2.28 26.46
CA ALA B 235 -25.52 -1.24 27.33
C ALA B 235 -25.42 0.12 26.62
N GLN B 236 -25.10 0.13 25.32
CA GLN B 236 -25.09 1.35 24.54
C GLN B 236 -26.49 1.62 23.96
N GLN B 237 -26.95 2.89 24.00
CA GLN B 237 -28.34 3.25 23.73
C GLN B 237 -28.48 4.56 22.96
N SER B 238 -27.35 5.21 22.69
CA SER B 238 -27.37 6.49 21.99
C SER B 238 -28.02 6.40 20.60
N ILE B 239 -27.73 5.34 19.84
CA ILE B 239 -28.30 5.18 18.51
C ILE B 239 -29.84 5.05 18.59
N ARG B 240 -30.35 4.24 19.53
CA ARG B 240 -31.78 4.10 19.69
C ARG B 240 -32.43 5.44 20.05
N GLU B 241 -31.83 6.12 21.04
CA GLU B 241 -32.27 7.46 21.46
C GLU B 241 -32.39 8.35 20.23
N LYS B 242 -31.35 8.30 19.38
CA LYS B 242 -31.22 9.13 18.21
C LYS B 242 -32.33 8.81 17.22
N TYR B 243 -32.59 7.53 17.00
CA TYR B 243 -33.58 7.18 16.00
C TYR B 243 -35.02 7.19 16.54
N LYS B 244 -35.25 7.75 17.74
CA LYS B 244 -36.60 8.06 18.19
C LYS B 244 -37.09 9.34 17.49
N ASN B 245 -36.13 10.21 17.16
CA ASN B 245 -36.41 11.51 16.58
C ASN B 245 -37.21 11.38 15.28
N SER B 246 -38.09 12.35 15.03
CA SER B 246 -38.93 12.35 13.85
C SER B 246 -38.09 12.50 12.58
N LYS B 247 -36.96 13.21 12.67
CA LYS B 247 -35.99 13.26 11.59
C LYS B 247 -35.79 11.88 10.98
N TYR B 248 -35.82 10.84 11.82
CA TYR B 248 -35.60 9.48 11.36
C TYR B 248 -36.89 8.67 11.49
N HIS B 249 -38.03 9.33 11.50
CA HIS B 249 -39.33 8.65 11.44
C HIS B 249 -39.53 7.73 12.65
N GLY B 250 -38.77 7.98 13.72
CA GLY B 250 -38.94 7.25 14.97
C GLY B 250 -38.77 5.76 14.75
N VAL B 251 -37.85 5.37 13.85
CA VAL B 251 -37.79 3.98 13.47
C VAL B 251 -37.33 3.06 14.60
N SER B 252 -36.64 3.59 15.62
CA SER B 252 -36.16 2.74 16.71
C SER B 252 -37.34 2.24 17.54
N LEU B 253 -38.54 2.75 17.25
CA LEU B 253 -39.71 2.37 18.05
C LEU B 253 -40.51 1.25 17.38
N LEU B 254 -40.15 0.90 16.13
CA LEU B 254 -40.76 -0.19 15.37
C LEU B 254 -40.38 -1.48 16.07
N ASN B 255 -41.23 -2.50 15.95
CA ASN B 255 -40.94 -3.77 16.60
C ASN B 255 -40.16 -4.64 15.64
N PRO B 256 -38.98 -5.18 16.03
CA PRO B 256 -38.29 -6.14 15.19
C PRO B 256 -39.20 -7.35 14.91
N PRO B 257 -38.98 -8.06 13.78
CA PRO B 257 -39.75 -9.28 13.50
C PRO B 257 -39.13 -10.44 14.31
N GLU B 258 -40.00 -11.36 14.77
CA GLU B 258 -39.55 -12.46 15.62
C GLU B 258 -38.67 -13.43 14.83
N THR B 259 -38.98 -13.61 13.53
CA THR B 259 -38.35 -14.59 12.64
C THR B 259 -38.23 -13.99 11.24
N LEU B 260 -37.22 -14.45 10.48
CA LEU B 260 -36.92 -13.97 9.14
C LEU B 260 -37.44 -14.89 8.04
N ASN B 261 -37.77 -16.16 8.39
CA ASN B 261 -38.15 -17.19 7.43
C ASN B 261 -37.14 -17.24 6.28
N VAL B 262 -35.89 -17.64 6.61
CA VAL B 262 -34.77 -17.73 5.68
C VAL B 262 -34.41 -16.30 5.21
N SER C 4 9.70 13.78 13.97
CA SER C 4 9.93 12.41 13.47
C SER C 4 9.90 11.47 14.67
N MET C 5 10.67 11.80 15.70
CA MET C 5 10.67 11.00 16.95
C MET C 5 10.09 11.90 18.05
N GLU C 6 9.38 12.95 17.66
CA GLU C 6 8.85 13.91 18.68
C GLU C 6 7.72 13.25 19.45
N ASN C 7 7.10 12.21 18.91
CA ASN C 7 6.10 11.48 19.68
C ASN C 7 6.72 10.48 20.64
N PHE C 8 8.01 10.11 20.46
CA PHE C 8 8.66 9.16 21.34
C PHE C 8 9.39 9.89 22.46
N GLN C 9 9.09 9.50 23.70
CA GLN C 9 9.82 9.94 24.89
C GLN C 9 10.73 8.82 25.40
N LYS C 10 12.05 9.03 25.39
CA LYS C 10 12.96 7.99 25.88
C LYS C 10 12.72 7.79 27.37
N VAL C 11 12.78 6.55 27.84
CA VAL C 11 12.57 6.23 29.25
C VAL C 11 13.88 5.79 29.91
N GLU C 12 14.55 4.77 29.35
CA GLU C 12 15.77 4.26 29.94
C GLU C 12 16.51 3.42 28.89
N LYS C 13 17.81 3.19 29.11
CA LYS C 13 18.62 2.29 28.28
C LYS C 13 18.30 0.85 28.68
N ILE C 14 18.23 -0.06 27.69
CA ILE C 14 17.85 -1.45 27.96
C ILE C 14 18.85 -2.44 27.34
N GLY C 15 19.89 -1.93 26.71
CA GLY C 15 20.86 -2.86 26.18
C GLY C 15 21.65 -2.20 25.07
N GLU C 16 22.43 -3.04 24.37
CA GLU C 16 23.36 -2.60 23.36
C GLU C 16 23.51 -3.76 22.39
N GLY C 17 23.60 -3.41 21.09
CA GLY C 17 23.73 -4.39 20.04
C GLY C 17 24.69 -3.88 18.96
N THR C 18 24.52 -4.45 17.77
CA THR C 18 25.46 -4.21 16.69
C THR C 18 25.54 -2.70 16.45
N TYR C 19 24.36 -2.04 16.47
CA TYR C 19 24.17 -0.75 15.83
C TYR C 19 24.56 0.39 16.76
N GLY C 20 23.95 0.40 17.95
CA GLY C 20 24.20 1.46 18.92
C GLY C 20 23.62 1.08 20.28
N VAL C 21 23.00 2.05 20.93
CA VAL C 21 22.24 1.78 22.13
C VAL C 21 20.81 1.39 21.73
N VAL C 22 20.18 0.58 22.61
CA VAL C 22 18.76 0.26 22.53
C VAL C 22 18.04 0.85 23.74
N TYR C 23 16.89 1.50 23.45
CA TYR C 23 16.17 2.28 24.44
C TYR C 23 14.73 1.80 24.56
N LYS C 24 14.21 1.87 25.78
CA LYS C 24 12.79 1.79 26.01
C LYS C 24 12.25 3.21 25.87
N ALA C 25 11.09 3.31 25.19
CA ALA C 25 10.46 4.61 25.02
C ALA C 25 8.95 4.44 25.08
N ARG C 26 8.27 5.58 25.16
CA ARG C 26 6.84 5.69 25.24
C ARG C 26 6.36 6.59 24.10
N ASN C 27 5.35 6.09 23.37
CA ASN C 27 4.59 6.92 22.46
C ASN C 27 3.71 7.88 23.28
N LYS C 28 3.93 9.18 23.16
CA LYS C 28 3.25 10.13 24.01
C LYS C 28 1.77 10.20 23.69
N LEU C 29 1.41 9.85 22.45
CA LEU C 29 0.04 10.04 22.00
C LEU C 29 -0.79 8.77 22.26
N THR C 30 -0.17 7.58 22.12
CA THR C 30 -0.85 6.31 22.25
C THR C 30 -0.62 5.62 23.60
N GLY C 31 0.51 5.86 24.27
CA GLY C 31 0.83 5.17 25.51
C GLY C 31 1.61 3.88 25.25
N GLU C 32 1.78 3.53 23.98
CA GLU C 32 2.49 2.33 23.62
C GLU C 32 3.95 2.46 24.08
N VAL C 33 4.42 1.44 24.78
CA VAL C 33 5.81 1.32 25.17
C VAL C 33 6.54 0.57 24.06
N VAL C 34 7.74 1.02 23.69
CA VAL C 34 8.42 0.37 22.58
C VAL C 34 9.90 0.24 22.93
N ALA C 35 10.66 -0.46 22.08
CA ALA C 35 12.12 -0.41 22.11
C ALA C 35 12.59 0.25 20.82
N LEU C 36 13.48 1.24 20.93
CA LEU C 36 14.06 1.92 19.79
C LEU C 36 15.49 1.43 19.62
N LYS C 37 15.84 1.09 18.39
CA LYS C 37 17.20 0.69 18.05
C LYS C 37 17.70 1.78 17.11
N LYS C 38 18.65 2.59 17.54
CA LYS C 38 19.14 3.68 16.71
C LYS C 38 20.32 3.17 15.89
N ILE C 39 20.28 3.38 14.57
CA ILE C 39 21.34 2.93 13.65
C ILE C 39 21.92 4.14 12.93
N ARG C 40 23.14 4.55 13.30
CA ARG C 40 23.84 5.66 12.66
C ARG C 40 24.16 5.26 11.22
N LEU C 41 23.81 6.13 10.28
CA LEU C 41 24.10 5.92 8.88
C LEU C 41 25.45 6.58 8.56
N ASP C 42 26.27 5.82 7.83
CA ASP C 42 27.58 6.26 7.39
C ASP C 42 27.47 7.00 6.06
N THR C 43 27.04 8.27 6.09
CA THR C 43 26.57 8.95 4.91
C THR C 43 27.68 9.41 3.96
N GLU C 44 28.96 9.34 4.39
CA GLU C 44 30.04 9.78 3.51
C GLU C 44 30.97 8.59 3.20
N THR C 45 30.61 7.40 3.71
CA THR C 45 31.51 6.27 3.71
C THR C 45 30.79 5.01 3.24
N GLU C 46 30.08 4.29 4.11
CA GLU C 46 29.65 2.95 3.80
C GLU C 46 28.12 2.83 3.68
N GLY C 47 27.35 3.84 4.11
CA GLY C 47 25.91 3.88 3.91
C GLY C 47 25.17 3.05 4.94
N VAL C 48 24.06 2.41 4.54
CA VAL C 48 23.24 1.66 5.47
C VAL C 48 23.90 0.32 5.67
N PRO C 49 24.19 -0.09 6.93
CA PRO C 49 24.90 -1.35 7.16
C PRO C 49 24.07 -2.54 6.71
N SER C 50 24.78 -3.57 6.26
CA SER C 50 24.10 -4.75 5.76
C SER C 50 23.33 -5.46 6.88
N THR C 51 23.82 -5.44 8.13
CA THR C 51 23.06 -6.07 9.22
C THR C 51 21.65 -5.50 9.21
N ALA C 52 21.57 -4.17 9.12
CA ALA C 52 20.28 -3.51 9.23
C ALA C 52 19.40 -3.81 8.01
N ILE C 53 20.00 -3.85 6.81
CA ILE C 53 19.25 -4.15 5.59
C ILE C 53 18.59 -5.52 5.73
N ARG C 54 19.36 -6.48 6.25
CA ARG C 54 18.86 -7.83 6.43
C ARG C 54 17.83 -7.86 7.55
N GLU C 55 18.14 -7.24 8.69
CA GLU C 55 17.24 -7.28 9.83
C GLU C 55 15.86 -6.73 9.47
N ILE C 56 15.81 -5.51 8.93
CA ILE C 56 14.56 -4.87 8.59
C ILE C 56 13.80 -5.68 7.52
N SER C 57 14.48 -6.09 6.44
CA SER C 57 13.80 -6.71 5.30
C SER C 57 13.22 -8.04 5.70
N LEU C 58 13.98 -8.78 6.53
CA LEU C 58 13.56 -10.10 6.96
C LEU C 58 12.44 -10.00 7.98
N LEU C 59 12.54 -9.05 8.93
CA LEU C 59 11.51 -8.85 9.95
C LEU C 59 10.21 -8.34 9.32
N LYS C 60 10.31 -7.48 8.30
CA LYS C 60 9.12 -7.03 7.57
C LYS C 60 8.30 -8.24 7.14
N GLU C 61 8.98 -9.32 6.73
CA GLU C 61 8.26 -10.47 6.19
C GLU C 61 7.70 -11.38 7.28
N LEU C 62 8.39 -11.47 8.42
CA LEU C 62 8.10 -12.49 9.42
C LEU C 62 7.07 -12.01 10.43
N ASN C 63 5.79 -12.37 10.27
CA ASN C 63 4.75 -11.96 11.21
C ASN C 63 4.19 -13.16 11.95
N HIS C 64 4.76 -13.42 13.13
CA HIS C 64 4.37 -14.56 13.93
C HIS C 64 4.39 -14.16 15.40
N PRO C 65 3.48 -14.71 16.21
CA PRO C 65 3.44 -14.42 17.64
C PRO C 65 4.75 -14.64 18.40
N ASN C 66 5.67 -15.45 17.85
CA ASN C 66 6.88 -15.87 18.55
C ASN C 66 8.15 -15.27 17.91
N ILE C 67 7.94 -14.24 17.09
CA ILE C 67 9.00 -13.46 16.49
C ILE C 67 8.73 -12.00 16.82
N VAL C 68 9.76 -11.29 17.30
CA VAL C 68 9.60 -9.95 17.81
C VAL C 68 9.04 -9.06 16.68
N LYS C 69 8.14 -8.14 17.04
CA LYS C 69 7.41 -7.35 16.06
C LYS C 69 8.18 -6.05 15.82
N LEU C 70 8.54 -5.84 14.54
CA LEU C 70 8.99 -4.54 14.06
C LEU C 70 7.76 -3.70 13.66
N LEU C 71 7.60 -2.52 14.28
CA LEU C 71 6.37 -1.73 14.16
C LEU C 71 6.57 -0.65 13.11
N ASP C 72 7.76 -0.03 13.13
CA ASP C 72 8.01 1.09 12.26
C ASP C 72 9.50 1.19 11.97
N VAL C 73 9.80 1.88 10.88
CA VAL C 73 11.15 2.29 10.55
C VAL C 73 11.10 3.77 10.23
N ILE C 74 11.89 4.56 10.97
CA ILE C 74 11.85 6.00 10.84
C ILE C 74 13.18 6.49 10.29
N HIS C 75 13.09 7.17 9.14
CA HIS C 75 14.24 7.59 8.36
C HIS C 75 14.60 9.04 8.71
N THR C 76 15.89 9.29 8.68
CA THR C 76 16.39 10.66 8.75
C THR C 76 17.47 10.60 7.71
N GLU C 77 18.10 11.70 7.33
CA GLU C 77 19.18 11.54 6.34
C GLU C 77 20.43 10.97 7.04
N ASN C 78 20.48 11.03 8.37
CA ASN C 78 21.71 10.62 9.09
C ASN C 78 21.44 9.45 10.05
N LYS C 79 20.19 9.18 10.40
CA LYS C 79 19.93 8.11 11.36
C LYS C 79 18.79 7.21 10.90
N LEU C 80 18.79 5.99 11.39
CA LEU C 80 17.65 5.10 11.19
C LEU C 80 17.16 4.66 12.57
N TYR C 81 15.87 4.84 12.85
CA TYR C 81 15.29 4.31 14.08
C TYR C 81 14.38 3.14 13.75
N LEU C 82 14.65 1.98 14.37
CA LEU C 82 13.78 0.84 14.29
C LEU C 82 12.92 0.85 15.56
N VAL C 83 11.59 0.79 15.36
CA VAL C 83 10.65 0.78 16.47
C VAL C 83 10.13 -0.63 16.59
N PHE C 84 10.38 -1.22 17.77
CA PHE C 84 9.97 -2.58 18.12
C PHE C 84 8.96 -2.56 19.24
N GLU C 85 8.26 -3.68 19.38
CA GLU C 85 7.36 -3.83 20.55
C GLU C 85 8.29 -4.03 21.75
N PHE C 86 7.92 -3.50 22.91
CA PHE C 86 8.74 -3.69 24.12
C PHE C 86 8.37 -5.00 24.80
N LEU C 87 9.38 -5.81 25.11
CA LEU C 87 9.16 -7.06 25.88
C LEU C 87 9.87 -6.86 27.23
N HIS C 88 9.34 -7.42 28.30
CA HIS C 88 9.89 -7.21 29.67
C HIS C 88 11.43 -7.35 29.69
N GLN C 89 11.94 -8.50 29.30
CA GLN C 89 13.39 -8.74 29.34
C GLN C 89 13.72 -9.96 28.48
N ASP C 90 15.02 -10.27 28.40
CA ASP C 90 15.49 -11.46 27.70
C ASP C 90 15.61 -12.64 28.66
N LEU C 91 15.69 -13.83 28.05
CA LEU C 91 15.68 -15.10 28.76
C LEU C 91 16.91 -15.20 29.67
N LYS C 92 18.04 -14.65 29.25
CA LYS C 92 19.25 -14.67 30.05
C LYS C 92 19.00 -13.99 31.40
N LYS C 93 18.33 -12.82 31.37
CA LYS C 93 18.12 -12.12 32.63
C LYS C 93 17.14 -12.91 33.47
N PHE C 94 16.20 -13.61 32.80
CA PHE C 94 15.22 -14.44 33.49
C PHE C 94 15.89 -15.68 34.11
N MET C 95 16.76 -16.35 33.34
CA MET C 95 17.55 -17.45 33.87
C MET C 95 18.29 -16.98 35.12
N ASP C 96 19.09 -15.90 35.01
CA ASP C 96 19.90 -15.38 36.10
C ASP C 96 19.03 -15.09 37.32
N ALA C 97 17.84 -14.52 37.09
CA ALA C 97 16.94 -14.18 38.17
C ALA C 97 16.44 -15.46 38.83
N SER C 98 16.42 -16.55 38.08
CA SER C 98 15.88 -17.82 38.55
C SER C 98 16.99 -18.84 38.87
N ALA C 99 18.23 -18.39 39.10
CA ALA C 99 19.32 -19.33 39.33
C ALA C 99 19.17 -20.11 40.66
N LEU C 100 18.55 -19.48 41.68
CA LEU C 100 18.25 -20.13 42.95
C LEU C 100 16.89 -20.85 42.92
N THR C 101 15.82 -20.18 42.45
CA THR C 101 14.45 -20.70 42.52
C THR C 101 14.26 -21.85 41.53
N GLY C 102 14.98 -21.81 40.42
CA GLY C 102 14.68 -22.71 39.32
C GLY C 102 13.57 -22.12 38.46
N ILE C 103 13.44 -22.66 37.25
CA ILE C 103 12.32 -22.37 36.35
C ILE C 103 11.37 -23.57 36.36
N PRO C 104 10.06 -23.39 36.65
CA PRO C 104 9.13 -24.50 36.52
C PRO C 104 9.18 -25.17 35.17
N LEU C 105 9.21 -26.50 35.16
CA LEU C 105 9.18 -27.26 33.88
C LEU C 105 8.00 -26.82 33.01
N PRO C 106 6.75 -26.61 33.50
CA PRO C 106 5.68 -26.10 32.66
C PRO C 106 6.19 -24.94 31.82
N LEU C 107 6.75 -23.92 32.46
CA LEU C 107 7.26 -22.73 31.72
C LEU C 107 8.36 -23.17 30.75
N ILE C 108 9.25 -24.05 31.20
CA ILE C 108 10.35 -24.47 30.33
C ILE C 108 9.79 -25.06 29.03
N LYS C 109 8.77 -25.92 29.18
CA LYS C 109 8.16 -26.60 28.05
C LYS C 109 7.40 -25.60 27.18
N SER C 110 6.67 -24.67 27.81
CA SER C 110 5.95 -23.58 27.14
C SER C 110 6.94 -22.82 26.27
N TYR C 111 8.08 -22.47 26.88
CA TYR C 111 9.06 -21.61 26.23
C TYR C 111 9.71 -22.34 25.06
N LEU C 112 10.10 -23.59 25.27
CA LEU C 112 10.67 -24.37 24.17
C LEU C 112 9.63 -24.50 23.04
N PHE C 113 8.35 -24.69 23.39
CA PHE C 113 7.31 -24.91 22.40
C PHE C 113 7.17 -23.67 21.52
N GLN C 114 7.12 -22.51 22.18
CA GLN C 114 7.02 -21.26 21.46
C GLN C 114 8.27 -21.01 20.61
N LEU C 115 9.45 -21.34 21.14
CA LEU C 115 10.70 -21.04 20.43
C LEU C 115 10.73 -21.85 19.14
N LEU C 116 10.21 -23.10 19.22
CA LEU C 116 10.15 -23.95 18.05
C LEU C 116 9.09 -23.45 17.05
N GLN C 117 8.00 -22.87 17.56
CA GLN C 117 6.95 -22.38 16.65
C GLN C 117 7.51 -21.21 15.85
N GLY C 118 8.21 -20.31 16.56
CA GLY C 118 8.89 -19.18 15.95
C GLY C 118 9.88 -19.63 14.89
N LEU C 119 10.65 -20.66 15.22
CA LEU C 119 11.78 -21.04 14.39
C LEU C 119 11.31 -21.80 13.15
N ALA C 120 10.32 -22.69 13.35
CA ALA C 120 9.64 -23.36 12.26
C ALA C 120 9.18 -22.34 11.22
N PHE C 121 8.60 -21.24 11.69
CA PHE C 121 8.14 -20.15 10.85
C PHE C 121 9.31 -19.46 10.15
N CYS C 122 10.44 -19.26 10.83
CA CYS C 122 11.61 -18.73 10.12
C CYS C 122 12.00 -19.66 8.98
N HIS C 123 12.17 -20.95 9.30
CA HIS C 123 12.65 -21.93 8.33
C HIS C 123 11.66 -22.07 7.16
N SER C 124 10.36 -22.13 7.49
CA SER C 124 9.27 -22.10 6.53
C SER C 124 9.40 -20.95 5.53
N HIS C 125 10.05 -19.86 5.95
CA HIS C 125 10.12 -18.63 5.16
C HIS C 125 11.57 -18.39 4.78
N ARG C 126 12.32 -19.46 4.58
CA ARG C 126 13.70 -19.48 4.09
C ARG C 126 14.59 -18.47 4.81
N VAL C 127 14.47 -18.37 6.15
CA VAL C 127 15.33 -17.52 6.96
C VAL C 127 16.07 -18.35 8.00
N LEU C 128 17.39 -18.29 7.99
CA LEU C 128 18.21 -18.75 9.12
C LEU C 128 18.33 -17.62 10.14
N HIS C 129 18.25 -17.95 11.45
CA HIS C 129 18.51 -16.96 12.48
C HIS C 129 20.01 -16.80 12.69
N ARG C 130 20.67 -17.89 13.13
CA ARG C 130 22.12 -17.98 13.25
C ARG C 130 22.68 -17.19 14.44
N ASP C 131 21.82 -16.74 15.35
CA ASP C 131 22.37 -16.11 16.55
C ASP C 131 21.42 -16.36 17.71
N LEU C 132 20.95 -17.60 17.82
CA LEU C 132 20.01 -17.94 18.88
C LEU C 132 20.80 -18.15 20.15
N LYS C 133 20.47 -17.37 21.17
CA LYS C 133 21.00 -17.54 22.51
C LYS C 133 20.09 -16.78 23.48
N PRO C 134 20.18 -17.03 24.79
CA PRO C 134 19.16 -16.50 25.70
C PRO C 134 19.02 -14.99 25.64
N GLN C 135 20.15 -14.30 25.41
CA GLN C 135 20.20 -12.83 25.32
C GLN C 135 19.38 -12.29 24.15
N ASN C 136 19.03 -13.14 23.15
CA ASN C 136 18.34 -12.71 21.95
C ASN C 136 16.90 -13.27 21.92
N LEU C 137 16.44 -13.83 23.05
CA LEU C 137 15.07 -14.28 23.19
C LEU C 137 14.39 -13.43 24.27
N LEU C 138 13.21 -12.88 23.93
CA LEU C 138 12.55 -11.91 24.78
C LEU C 138 11.26 -12.48 25.36
N ILE C 139 11.01 -12.21 26.65
CA ILE C 139 9.80 -12.69 27.31
C ILE C 139 8.96 -11.50 27.75
N ASN C 140 7.65 -11.68 27.79
CA ASN C 140 6.77 -10.70 28.41
C ASN C 140 6.30 -11.24 29.77
N THR C 141 5.36 -10.52 30.38
CA THR C 141 4.89 -10.83 31.73
C THR C 141 3.73 -11.83 31.70
N GLU C 142 3.25 -12.18 30.51
CA GLU C 142 2.08 -13.04 30.36
C GLU C 142 2.40 -14.40 29.78
N GLY C 143 3.68 -14.76 29.65
CA GLY C 143 4.07 -16.14 29.38
C GLY C 143 4.48 -16.38 27.91
N ALA C 144 4.65 -15.30 27.14
CA ALA C 144 5.16 -15.47 25.79
C ALA C 144 6.68 -15.35 25.80
N ILE C 145 7.32 -15.99 24.81
CA ILE C 145 8.72 -15.74 24.49
C ILE C 145 8.82 -15.55 22.99
N LYS C 146 9.81 -14.77 22.52
CA LYS C 146 9.94 -14.47 21.10
C LYS C 146 11.40 -14.43 20.64
N LEU C 147 11.65 -14.89 19.41
CA LEU C 147 12.92 -14.71 18.73
C LEU C 147 13.12 -13.22 18.47
N ALA C 148 14.34 -12.77 18.70
CA ALA C 148 14.68 -11.37 18.41
C ALA C 148 16.11 -11.27 17.88
N ASP C 149 16.63 -10.06 17.72
CA ASP C 149 17.99 -9.81 17.17
C ASP C 149 18.20 -10.59 15.87
N PHE C 150 17.61 -10.10 14.78
CA PHE C 150 17.73 -10.77 13.45
C PHE C 150 18.81 -10.08 12.62
N GLY C 151 19.84 -9.55 13.28
CA GLY C 151 20.94 -8.86 12.59
C GLY C 151 21.90 -9.81 11.92
N LEU C 152 22.04 -11.03 12.43
CA LEU C 152 22.95 -12.04 11.84
C LEU C 152 22.13 -13.04 11.02
N ALA C 153 20.89 -12.68 10.69
CA ALA C 153 19.99 -13.59 9.97
C ALA C 153 20.26 -13.57 8.46
N ARG C 154 19.82 -14.61 7.77
CA ARG C 154 20.06 -14.69 6.32
C ARG C 154 18.97 -15.45 5.57
N ALA C 155 18.38 -14.81 4.56
CA ALA C 155 17.47 -15.54 3.68
C ALA C 155 18.29 -16.53 2.87
N PHE C 156 17.88 -17.79 2.84
CA PHE C 156 18.65 -18.79 2.13
C PHE C 156 17.89 -19.28 0.90
N GLY C 157 18.62 -20.01 0.05
CA GLY C 157 18.06 -20.70 -1.10
C GLY C 157 18.13 -22.21 -0.91
N VAL C 158 17.50 -22.94 -1.84
CA VAL C 158 17.40 -24.39 -1.75
C VAL C 158 18.00 -24.96 -3.03
N PRO C 159 19.09 -25.76 -2.99
CA PRO C 159 19.81 -26.06 -1.73
C PRO C 159 20.63 -24.85 -1.27
N VAL C 160 21.04 -24.89 0.00
CA VAL C 160 21.83 -23.82 0.61
C VAL C 160 23.13 -23.73 -0.17
N ARG C 161 23.78 -22.59 -0.08
CA ARG C 161 25.13 -22.40 -0.63
C ARG C 161 26.01 -22.01 0.56
N THR C 162 27.31 -21.83 0.35
CA THR C 162 28.23 -21.42 1.41
C THR C 162 27.80 -20.03 1.91
N TYR C 163 27.65 -19.88 3.23
CA TYR C 163 27.26 -18.63 3.86
C TYR C 163 28.39 -18.18 4.78
N TPO C 164 28.16 -17.09 5.55
CA TPO C 164 29.22 -16.54 6.37
CB TPO C 164 28.78 -15.23 7.03
CG2 TPO C 164 29.85 -14.58 7.89
OG1 TPO C 164 28.46 -14.33 5.95
P TPO C 164 26.92 -13.90 5.72
O1P TPO C 164 26.23 -15.16 5.30
O2P TPO C 164 27.01 -12.84 4.63
O3P TPO C 164 26.40 -13.37 7.02
C TPO C 164 29.56 -17.56 7.45
O TPO C 164 28.67 -18.10 8.09
N HIS C 165 30.87 -17.83 7.61
CA HIS C 165 31.35 -18.76 8.61
C HIS C 165 31.20 -18.20 10.03
N GLU C 166 31.43 -16.89 10.19
CA GLU C 166 31.55 -16.30 11.53
C GLU C 166 30.14 -16.06 12.11
N VAL C 167 29.44 -17.14 12.54
CA VAL C 167 28.05 -16.98 12.98
C VAL C 167 27.78 -17.78 14.26
N VAL C 168 26.80 -17.30 15.05
CA VAL C 168 26.36 -17.90 16.30
C VAL C 168 27.46 -17.70 17.35
N THR C 169 27.08 -17.19 18.51
CA THR C 169 27.98 -17.11 19.66
C THR C 169 28.51 -18.52 19.99
N LEU C 170 29.81 -18.61 20.34
CA LEU C 170 30.58 -19.85 20.45
C LEU C 170 29.77 -20.95 21.13
N TRP C 171 29.29 -20.67 22.35
CA TRP C 171 28.63 -21.65 23.19
C TRP C 171 27.43 -22.32 22.48
N TYR C 172 26.83 -21.62 21.51
CA TYR C 172 25.59 -22.05 20.89
C TYR C 172 25.85 -22.49 19.44
N ARG C 173 27.13 -22.67 19.10
CA ARG C 173 27.59 -22.96 17.75
C ARG C 173 27.59 -24.47 17.54
N ALA C 174 26.91 -24.89 16.47
CA ALA C 174 26.77 -26.30 16.13
C ALA C 174 28.14 -26.83 15.73
N PRO C 175 28.35 -28.16 15.80
CA PRO C 175 29.61 -28.72 15.35
C PRO C 175 29.94 -28.52 13.85
N GLU C 176 28.93 -28.53 12.98
CA GLU C 176 29.23 -28.42 11.55
C GLU C 176 29.87 -27.07 11.23
N ILE C 177 29.54 -26.04 12.03
CA ILE C 177 30.18 -24.73 11.87
C ILE C 177 31.59 -24.76 12.47
N LEU C 178 31.78 -25.44 13.60
CA LEU C 178 33.06 -25.43 14.30
C LEU C 178 34.16 -25.99 13.41
N LEU C 179 33.86 -27.14 12.79
CA LEU C 179 34.74 -27.86 11.90
C LEU C 179 34.81 -27.26 10.50
N GLY C 180 34.12 -26.14 10.25
CA GLY C 180 34.29 -25.43 8.99
C GLY C 180 33.71 -26.15 7.77
N CYS C 181 32.67 -26.99 7.97
CA CYS C 181 31.95 -27.65 6.88
C CYS C 181 31.54 -26.65 5.82
N LYS C 182 31.72 -27.02 4.55
CA LYS C 182 31.36 -26.16 3.43
C LYS C 182 29.95 -25.58 3.58
N TYR C 183 28.99 -26.41 3.98
CA TYR C 183 27.60 -26.00 4.00
C TYR C 183 27.03 -26.16 5.40
N TYR C 184 26.01 -25.35 5.68
CA TYR C 184 25.29 -25.40 6.99
C TYR C 184 23.86 -24.97 6.70
N SER C 185 22.90 -25.43 7.50
CA SER C 185 21.49 -25.14 7.18
C SER C 185 20.64 -24.85 8.42
N THR C 186 19.39 -25.30 8.42
CA THR C 186 18.44 -24.97 9.49
C THR C 186 18.79 -25.72 10.74
N ALA C 187 19.64 -26.73 10.60
CA ALA C 187 20.04 -27.56 11.75
C ALA C 187 20.85 -26.72 12.74
N VAL C 188 21.53 -25.69 12.27
CA VAL C 188 22.36 -24.91 13.17
C VAL C 188 21.47 -24.23 14.20
N ASP C 189 20.28 -23.79 13.79
CA ASP C 189 19.38 -23.12 14.69
C ASP C 189 18.86 -24.10 15.74
N ILE C 190 18.62 -25.32 15.32
CA ILE C 190 18.07 -26.31 16.24
C ILE C 190 19.12 -26.61 17.31
N TRP C 191 20.38 -26.67 16.89
CA TRP C 191 21.44 -26.96 17.83
C TRP C 191 21.38 -25.94 18.96
N SER C 192 21.35 -24.68 18.56
CA SER C 192 21.28 -23.57 19.50
C SER C 192 20.10 -23.76 20.46
N LEU C 193 18.89 -24.00 19.92
CA LEU C 193 17.72 -24.22 20.77
C LEU C 193 17.97 -25.42 21.69
N GLY C 194 18.68 -26.42 21.19
CA GLY C 194 19.08 -27.56 21.99
C GLY C 194 19.83 -27.10 23.23
N CYS C 195 20.92 -26.36 23.00
CA CYS C 195 21.73 -25.77 24.05
C CYS C 195 20.88 -24.92 24.99
N ILE C 196 19.91 -24.18 24.43
CA ILE C 196 19.08 -23.28 25.21
C ILE C 196 18.13 -24.08 26.10
N PHE C 197 17.51 -25.13 25.56
CA PHE C 197 16.63 -25.99 26.34
C PHE C 197 17.34 -26.41 27.62
N ALA C 198 18.52 -27.03 27.44
CA ALA C 198 19.33 -27.50 28.53
C ALA C 198 19.57 -26.42 29.56
N GLU C 199 19.83 -25.20 29.07
CA GLU C 199 20.20 -24.09 29.92
C GLU C 199 18.99 -23.65 30.75
N MET C 200 17.78 -23.80 30.21
CA MET C 200 16.58 -23.45 30.96
C MET C 200 16.43 -24.41 32.14
N VAL C 201 16.79 -25.66 31.95
CA VAL C 201 16.66 -26.67 32.99
C VAL C 201 17.74 -26.52 34.08
N THR C 202 19.00 -26.19 33.70
CA THR C 202 20.09 -26.12 34.66
C THR C 202 20.47 -24.67 35.03
N ARG C 203 20.01 -23.69 34.23
CA ARG C 203 20.33 -22.27 34.36
C ARG C 203 21.84 -22.03 34.23
N ARG C 204 22.54 -23.03 33.69
CA ARG C 204 23.94 -22.94 33.31
C ARG C 204 24.02 -23.35 31.85
N ALA C 205 24.91 -22.70 31.09
CA ALA C 205 25.15 -23.05 29.70
C ALA C 205 25.59 -24.50 29.63
N LEU C 206 25.22 -25.17 28.54
CA LEU C 206 25.57 -26.56 28.31
C LEU C 206 27.05 -26.67 27.92
N PHE C 207 27.50 -25.86 26.94
CA PHE C 207 28.86 -25.99 26.45
C PHE C 207 29.60 -24.64 26.58
N PRO C 208 30.04 -24.24 27.79
CA PRO C 208 30.74 -22.96 27.94
C PRO C 208 32.21 -22.94 27.53
N GLY C 209 32.48 -23.09 26.24
CA GLY C 209 33.87 -23.17 25.76
C GLY C 209 34.69 -21.91 25.92
N ASP C 210 36.00 -22.08 26.10
CA ASP C 210 36.93 -20.94 26.23
C ASP C 210 37.60 -20.76 24.88
N SER C 211 37.35 -21.68 23.96
CA SER C 211 37.94 -21.64 22.60
C SER C 211 37.23 -22.62 21.68
N GLU C 212 37.46 -22.52 20.37
CA GLU C 212 36.90 -23.47 19.42
C GLU C 212 37.30 -24.90 19.75
N ILE C 213 38.58 -25.13 20.07
CA ILE C 213 39.01 -26.46 20.45
C ILE C 213 38.27 -26.89 21.74
N ASP C 214 38.22 -25.99 22.73
CA ASP C 214 37.61 -26.29 24.00
C ASP C 214 36.11 -26.58 23.82
N GLN C 215 35.47 -25.80 22.93
CA GLN C 215 34.08 -26.02 22.55
C GLN C 215 33.89 -27.44 22.02
N LEU C 216 34.77 -27.88 21.12
CA LEU C 216 34.61 -29.17 20.46
C LEU C 216 34.69 -30.28 21.51
N PHE C 217 35.75 -30.19 22.31
CA PHE C 217 35.97 -31.15 23.37
C PHE C 217 34.75 -31.22 24.28
N ARG C 218 34.15 -30.07 24.63
CA ARG C 218 33.04 -30.00 25.56
C ARG C 218 31.82 -30.73 25.00
N ILE C 219 31.67 -30.66 23.69
CA ILE C 219 30.58 -31.32 22.99
C ILE C 219 30.81 -32.84 22.95
N PHE C 220 31.96 -33.25 22.38
CA PHE C 220 32.37 -34.64 22.17
C PHE C 220 32.24 -35.49 23.44
N ARG C 221 32.61 -34.92 24.57
CA ARG C 221 32.66 -35.68 25.80
C ARG C 221 31.27 -35.82 26.40
N THR C 222 30.37 -34.89 26.09
CA THR C 222 29.02 -35.00 26.63
C THR C 222 28.24 -36.05 25.83
N LEU C 223 28.67 -36.33 24.59
CA LEU C 223 27.96 -37.29 23.74
C LEU C 223 28.84 -38.49 23.31
N VAL C 255 23.13 -36.34 32.98
CA VAL C 255 23.06 -35.68 31.64
C VAL C 255 22.58 -34.24 31.83
N VAL C 256 21.36 -34.15 32.35
CA VAL C 256 20.56 -32.99 32.72
C VAL C 256 19.54 -33.52 33.71
N PRO C 257 19.82 -33.47 35.04
CA PRO C 257 19.04 -34.19 36.04
C PRO C 257 17.52 -34.02 36.06
N PRO C 258 16.96 -32.80 36.20
CA PRO C 258 15.52 -32.65 36.41
C PRO C 258 14.61 -33.25 35.33
N LEU C 259 15.18 -33.53 34.16
CA LEU C 259 14.44 -33.67 32.91
C LEU C 259 13.94 -35.11 32.73
N ASP C 260 12.66 -35.25 32.36
CA ASP C 260 12.00 -36.55 32.21
C ASP C 260 12.52 -37.25 30.95
N GLU C 261 12.01 -38.48 30.71
CA GLU C 261 12.39 -39.34 29.59
C GLU C 261 12.12 -38.66 28.25
N ASP C 262 10.97 -37.97 28.14
CA ASP C 262 10.54 -37.27 26.93
C ASP C 262 11.45 -36.06 26.69
N GLY C 263 11.68 -35.27 27.75
CA GLY C 263 12.61 -34.17 27.68
C GLY C 263 13.96 -34.64 27.12
N ARG C 264 14.55 -35.66 27.74
CA ARG C 264 15.88 -36.12 27.33
C ARG C 264 15.87 -36.55 25.88
N SER C 265 14.80 -37.25 25.48
CA SER C 265 14.68 -37.77 24.13
C SER C 265 14.69 -36.62 23.09
N LEU C 266 13.83 -35.63 23.31
CA LEU C 266 13.81 -34.44 22.46
C LEU C 266 15.21 -33.77 22.43
N LEU C 267 15.81 -33.58 23.61
CA LEU C 267 17.10 -32.92 23.73
C LEU C 267 18.12 -33.59 22.79
N SER C 268 18.29 -34.90 22.95
CA SER C 268 19.28 -35.63 22.17
C SER C 268 18.99 -35.54 20.67
N GLN C 269 17.71 -35.39 20.29
CA GLN C 269 17.38 -35.31 18.88
C GLN C 269 17.74 -33.93 18.33
N MET C 270 17.64 -32.92 19.21
CA MET C 270 18.06 -31.56 18.89
C MET C 270 19.58 -31.43 18.92
N LEU C 271 20.30 -32.31 19.61
CA LEU C 271 21.75 -32.14 19.67
C LEU C 271 22.50 -33.20 18.85
N HIS C 272 21.80 -33.91 17.96
CA HIS C 272 22.43 -34.94 17.15
C HIS C 272 23.65 -34.36 16.44
N TYR C 273 24.73 -35.13 16.39
CA TYR C 273 25.93 -34.72 15.68
C TYR C 273 25.66 -34.45 14.21
N ASP C 274 24.94 -35.34 13.55
CA ASP C 274 24.80 -35.29 12.11
C ASP C 274 23.70 -34.28 11.77
N PRO C 275 24.00 -33.17 11.05
CA PRO C 275 22.97 -32.20 10.64
C PRO C 275 21.72 -32.82 10.00
N ASN C 276 21.91 -33.91 9.26
CA ASN C 276 20.81 -34.52 8.51
C ASN C 276 19.92 -35.32 9.45
N LYS C 277 20.51 -35.85 10.53
CA LYS C 277 19.80 -36.72 11.45
C LYS C 277 19.15 -35.90 12.56
N ARG C 278 19.56 -34.63 12.70
CA ARG C 278 19.08 -33.75 13.75
C ARG C 278 17.62 -33.37 13.47
N ILE C 279 16.80 -33.36 14.52
CA ILE C 279 15.38 -33.14 14.37
C ILE C 279 15.17 -31.74 13.79
N SER C 280 14.10 -31.57 13.01
CA SER C 280 13.73 -30.26 12.51
C SER C 280 12.74 -29.63 13.51
N ALA C 281 12.70 -28.29 13.54
CA ALA C 281 11.73 -27.59 14.37
C ALA C 281 10.32 -28.16 14.14
N LYS C 282 9.95 -28.37 12.88
CA LYS C 282 8.60 -28.79 12.57
C LYS C 282 8.35 -30.17 13.18
N ALA C 283 9.29 -31.09 12.99
CA ALA C 283 9.22 -32.41 13.62
C ALA C 283 9.15 -32.29 15.15
N ALA C 284 9.98 -31.41 15.73
CA ALA C 284 10.07 -31.27 17.17
C ALA C 284 8.74 -30.85 17.79
N LEU C 285 7.93 -30.09 17.05
CA LEU C 285 6.65 -29.61 17.55
C LEU C 285 5.69 -30.77 17.80
N ALA C 286 5.92 -31.88 17.09
CA ALA C 286 5.06 -33.05 17.25
C ALA C 286 5.56 -33.96 18.39
N HIS C 287 6.74 -33.69 18.97
CA HIS C 287 7.31 -34.55 20.00
C HIS C 287 6.36 -34.85 21.16
N PRO C 288 6.33 -36.09 21.72
CA PRO C 288 5.55 -36.40 22.93
C PRO C 288 5.77 -35.48 24.11
N PHE C 289 6.86 -34.72 24.09
CA PHE C 289 7.17 -33.86 25.26
C PHE C 289 6.13 -32.75 25.35
N PHE C 290 5.54 -32.35 24.22
CA PHE C 290 4.62 -31.18 24.24
C PHE C 290 3.15 -31.60 24.20
N GLN C 291 2.87 -32.88 24.41
CA GLN C 291 1.46 -33.39 24.39
C GLN C 291 0.65 -32.75 25.53
N ASP C 292 1.32 -32.18 26.52
CA ASP C 292 0.61 -31.61 27.70
C ASP C 292 1.02 -30.15 27.91
N VAL C 293 1.40 -29.46 26.84
CA VAL C 293 1.93 -28.08 27.02
C VAL C 293 0.87 -27.07 27.44
N THR C 294 1.15 -26.26 28.45
CA THR C 294 0.31 -25.13 28.84
C THR C 294 1.04 -23.83 28.53
N LYS C 295 0.49 -22.71 29.01
CA LYS C 295 1.11 -21.42 28.88
C LYS C 295 1.15 -20.73 30.25
N PRO C 296 2.04 -21.14 31.18
CA PRO C 296 2.15 -20.44 32.47
C PRO C 296 2.74 -19.04 32.32
N VAL C 297 2.37 -18.19 33.30
CA VAL C 297 2.97 -16.89 33.51
C VAL C 297 4.28 -17.08 34.25
N PRO C 298 5.34 -16.26 33.99
CA PRO C 298 6.61 -16.39 34.71
C PRO C 298 6.58 -15.64 36.04
N HIS C 299 7.32 -16.13 37.03
CA HIS C 299 7.38 -15.35 38.28
C HIS C 299 8.31 -14.17 38.04
N LEU C 300 7.76 -12.96 38.00
CA LEU C 300 8.60 -11.78 37.66
C LEU C 300 8.46 -10.70 38.73
N GLY D 1 20.06 -34.57 2.24
CA GLY D 1 20.73 -33.63 3.16
C GLY D 1 19.74 -32.65 3.79
N VAL D 2 20.08 -32.18 4.99
CA VAL D 2 19.38 -31.07 5.62
C VAL D 2 19.64 -29.84 4.76
N ASN D 3 20.68 -29.90 3.94
CA ASN D 3 21.03 -28.76 3.06
C ASN D 3 19.95 -28.56 1.98
N GLU D 4 19.06 -29.53 1.81
CA GLU D 4 17.98 -29.44 0.78
C GLU D 4 16.67 -29.17 1.51
N VAL D 5 16.74 -28.73 2.75
CA VAL D 5 15.53 -28.36 3.55
C VAL D 5 14.37 -29.35 3.29
N PRO D 6 14.49 -30.61 3.71
CA PRO D 6 13.45 -31.60 3.47
C PRO D 6 12.10 -31.22 4.04
N ASP D 7 12.06 -30.82 5.31
CA ASP D 7 10.76 -30.55 5.96
C ASP D 7 10.18 -29.19 5.59
N TYR D 8 10.84 -28.41 4.71
CA TYR D 8 10.36 -27.04 4.43
C TYR D 8 10.42 -26.70 2.96
N HIS D 9 10.98 -27.56 2.11
CA HIS D 9 11.19 -27.20 0.71
C HIS D 9 9.89 -26.76 0.02
N GLU D 10 8.76 -27.34 0.46
CA GLU D 10 7.47 -27.11 -0.15
C GLU D 10 6.84 -25.85 0.43
N ASP D 11 6.93 -25.69 1.76
CA ASP D 11 6.52 -24.48 2.45
C ASP D 11 7.21 -23.24 1.87
N ILE D 12 8.47 -23.43 1.43
CA ILE D 12 9.29 -22.35 0.90
C ILE D 12 8.89 -22.04 -0.54
N HIS D 13 8.68 -23.11 -1.33
CA HIS D 13 8.21 -22.97 -2.69
C HIS D 13 6.90 -22.18 -2.67
N THR D 14 5.98 -22.56 -1.78
CA THR D 14 4.68 -21.89 -1.70
C THR D 14 4.84 -20.40 -1.37
N TYR D 15 5.76 -20.08 -0.44
CA TYR D 15 5.94 -18.70 -0.01
C TYR D 15 6.58 -17.90 -1.15
N LEU D 16 7.63 -18.46 -1.78
CA LEU D 16 8.31 -17.79 -2.87
C LEU D 16 7.34 -17.51 -4.02
N ARG D 17 6.39 -18.39 -4.23
CA ARG D 17 5.46 -18.20 -5.37
C ARG D 17 4.54 -17.04 -5.04
N GLU D 18 4.27 -16.81 -3.75
CA GLU D 18 3.37 -15.70 -3.37
C GLU D 18 4.16 -14.40 -3.36
N MET D 19 5.45 -14.49 -3.03
CA MET D 19 6.24 -13.24 -2.87
C MET D 19 6.72 -12.73 -4.23
N GLU D 20 6.87 -13.63 -5.21
CA GLU D 20 7.30 -13.22 -6.56
C GLU D 20 6.20 -12.37 -7.21
N VAL D 21 4.96 -12.57 -6.79
CA VAL D 21 3.81 -11.80 -7.34
C VAL D 21 3.81 -10.40 -6.73
N LYS D 22 4.24 -10.28 -5.48
CA LYS D 22 4.21 -8.97 -4.79
C LYS D 22 5.45 -8.16 -5.16
N CYS D 23 6.61 -8.81 -5.29
CA CYS D 23 7.86 -8.11 -5.66
C CYS D 23 7.94 -8.04 -7.18
N LYS D 24 6.80 -8.12 -7.85
CA LYS D 24 6.75 -8.10 -9.33
C LYS D 24 6.68 -6.66 -9.82
N PRO D 25 7.52 -6.29 -10.82
CA PRO D 25 7.47 -4.96 -11.39
C PRO D 25 6.28 -4.67 -12.27
N LYS D 26 5.93 -3.40 -12.44
CA LYS D 26 4.87 -3.02 -13.37
C LYS D 26 5.27 -3.44 -14.78
N VAL D 27 4.44 -4.32 -15.36
CA VAL D 27 4.59 -4.84 -16.71
C VAL D 27 4.81 -3.72 -17.72
N GLY D 28 4.16 -2.57 -17.55
CA GLY D 28 4.24 -1.57 -18.60
C GLY D 28 4.98 -0.29 -18.21
N TYR D 29 6.00 -0.38 -17.34
CA TYR D 29 6.51 0.81 -16.69
C TYR D 29 7.28 1.67 -17.68
N MET D 30 7.95 1.03 -18.63
CA MET D 30 8.81 1.72 -19.58
C MET D 30 8.02 2.71 -20.46
N LYS D 31 6.73 2.44 -20.71
CA LYS D 31 5.93 3.36 -21.50
C LYS D 31 5.74 4.67 -20.74
N LYS D 32 5.64 4.59 -19.41
CA LYS D 32 5.35 5.74 -18.55
C LYS D 32 6.64 6.45 -18.12
N GLN D 33 7.81 5.96 -18.58
CA GLN D 33 9.10 6.63 -18.40
C GLN D 33 9.42 7.45 -19.65
N PRO D 34 9.33 8.79 -19.53
CA PRO D 34 9.47 9.67 -20.70
C PRO D 34 10.90 9.89 -21.18
N ASP D 35 11.89 9.62 -20.32
CA ASP D 35 13.27 9.91 -20.68
C ASP D 35 14.04 8.62 -20.93
N ILE D 36 13.46 7.45 -20.60
CA ILE D 36 14.22 6.21 -20.75
C ILE D 36 13.40 5.10 -21.43
N THR D 37 14.15 4.12 -21.98
CA THR D 37 13.63 3.08 -22.88
C THR D 37 14.15 1.71 -22.48
N ASN D 38 13.54 0.66 -23.07
CA ASN D 38 13.98 -0.72 -22.89
C ASN D 38 15.43 -0.85 -23.32
N SER D 39 15.79 -0.14 -24.41
CA SER D 39 17.12 -0.24 -24.98
C SER D 39 18.18 0.16 -23.95
N MET D 40 17.92 1.29 -23.29
CA MET D 40 18.78 1.82 -22.25
C MET D 40 18.92 0.81 -21.11
N ARG D 41 17.80 0.15 -20.77
CA ARG D 41 17.77 -0.81 -19.67
C ARG D 41 18.64 -2.02 -20.04
N ALA D 42 18.51 -2.45 -21.29
CA ALA D 42 19.35 -3.52 -21.81
C ALA D 42 20.84 -3.19 -21.57
N ILE D 43 21.25 -1.96 -21.90
CA ILE D 43 22.64 -1.58 -21.69
C ILE D 43 22.98 -1.70 -20.21
N LEU D 44 22.09 -1.20 -19.36
CA LEU D 44 22.34 -1.10 -17.94
C LEU D 44 22.51 -2.50 -17.36
N VAL D 45 21.60 -3.41 -17.73
CA VAL D 45 21.67 -4.76 -17.18
C VAL D 45 22.92 -5.46 -17.70
N ASP D 46 23.28 -5.26 -18.97
CA ASP D 46 24.49 -5.83 -19.54
C ASP D 46 25.73 -5.35 -18.79
N TRP D 47 25.71 -4.07 -18.38
CA TRP D 47 26.81 -3.50 -17.63
C TRP D 47 26.88 -4.11 -16.22
N LEU D 48 25.72 -4.40 -15.63
CA LEU D 48 25.71 -5.04 -14.32
C LEU D 48 26.29 -6.46 -14.39
N VAL D 49 26.15 -7.13 -15.53
CA VAL D 49 26.70 -8.46 -15.72
C VAL D 49 28.23 -8.35 -15.66
N GLU D 50 28.80 -7.39 -16.41
CA GLU D 50 30.24 -7.19 -16.42
C GLU D 50 30.72 -6.87 -15.01
N VAL D 51 29.98 -6.04 -14.28
CA VAL D 51 30.33 -5.71 -12.90
C VAL D 51 30.34 -6.99 -12.06
N GLY D 52 29.23 -7.75 -12.16
CA GLY D 52 29.12 -9.07 -11.59
C GLY D 52 30.35 -9.96 -11.84
N GLU D 53 30.94 -9.90 -13.02
CA GLU D 53 32.07 -10.83 -13.32
C GLU D 53 33.39 -10.21 -12.85
N GLU D 54 33.56 -8.91 -13.04
CA GLU D 54 34.75 -8.24 -12.52
C GLU D 54 34.90 -8.45 -11.01
N TYR D 55 33.80 -8.47 -10.25
CA TYR D 55 33.88 -8.50 -8.80
C TYR D 55 33.56 -9.89 -8.26
N LYS D 56 33.47 -10.86 -9.18
CA LYS D 56 33.13 -12.25 -8.90
C LYS D 56 31.97 -12.35 -7.91
N LEU D 57 30.85 -11.68 -8.19
CA LEU D 57 29.66 -11.75 -7.36
C LEU D 57 28.83 -12.97 -7.74
N GLN D 58 27.95 -13.38 -6.82
CA GLN D 58 26.97 -14.43 -7.08
C GLN D 58 25.99 -13.97 -8.16
N ASN D 59 25.57 -14.91 -9.00
CA ASN D 59 24.54 -14.64 -9.99
C ASN D 59 23.24 -14.20 -9.31
N GLU D 60 23.02 -14.71 -8.09
CA GLU D 60 21.85 -14.34 -7.30
C GLU D 60 21.85 -12.83 -7.08
N THR D 61 23.05 -12.26 -6.83
CA THR D 61 23.20 -10.84 -6.58
C THR D 61 22.70 -10.08 -7.81
N LEU D 62 23.11 -10.54 -9.00
CA LEU D 62 22.76 -9.91 -10.25
C LEU D 62 21.25 -9.88 -10.39
N HIS D 63 20.61 -11.00 -10.05
CA HIS D 63 19.18 -11.14 -10.28
C HIS D 63 18.40 -10.19 -9.38
N LEU D 64 18.82 -10.11 -8.10
CA LEU D 64 18.23 -9.21 -7.13
C LEU D 64 18.36 -7.76 -7.63
N ALA D 65 19.58 -7.36 -8.05
CA ALA D 65 19.81 -6.00 -8.52
C ALA D 65 18.75 -5.59 -9.56
N VAL D 66 18.44 -6.51 -10.49
CA VAL D 66 17.52 -6.21 -11.58
C VAL D 66 16.09 -6.13 -11.04
N ASN D 67 15.75 -6.99 -10.06
CA ASN D 67 14.45 -6.89 -9.41
C ASN D 67 14.30 -5.49 -8.80
N TYR D 68 15.38 -4.99 -8.18
CA TYR D 68 15.32 -3.73 -7.44
C TYR D 68 15.12 -2.58 -8.41
N ILE D 69 15.84 -2.64 -9.54
CA ILE D 69 15.79 -1.64 -10.61
C ILE D 69 14.38 -1.56 -11.22
N ASP D 70 13.83 -2.72 -11.59
CA ASP D 70 12.52 -2.76 -12.22
C ASP D 70 11.48 -2.18 -11.27
N ARG D 71 11.62 -2.46 -9.97
CA ARG D 71 10.61 -2.02 -9.01
C ARG D 71 10.71 -0.52 -8.80
N PHE D 72 11.95 -0.04 -8.62
CA PHE D 72 12.22 1.39 -8.48
C PHE D 72 11.65 2.14 -9.68
N LEU D 73 12.05 1.75 -10.91
CA LEU D 73 11.57 2.44 -12.11
C LEU D 73 10.05 2.21 -12.30
N SER D 74 9.47 1.25 -11.60
CA SER D 74 8.00 1.03 -11.70
C SER D 74 7.27 2.08 -10.84
N SER D 75 8.02 2.93 -10.14
CA SER D 75 7.42 3.92 -9.22
C SER D 75 8.05 5.30 -9.38
N MET D 76 9.25 5.39 -9.94
CA MET D 76 9.94 6.71 -9.98
C MET D 76 10.43 7.08 -11.37
N SER D 77 10.05 8.26 -11.87
CA SER D 77 10.61 8.77 -13.11
C SER D 77 12.11 9.00 -12.88
N VAL D 78 12.93 8.63 -13.87
CA VAL D 78 14.38 8.76 -13.79
C VAL D 78 14.88 9.26 -15.14
N LEU D 79 15.64 10.37 -15.11
CA LEU D 79 16.27 10.90 -16.29
C LEU D 79 17.42 9.98 -16.69
N ARG D 80 17.77 10.03 -17.97
CA ARG D 80 18.75 9.12 -18.56
C ARG D 80 20.11 9.15 -17.85
N GLY D 81 20.61 10.35 -17.55
CA GLY D 81 21.90 10.51 -16.91
C GLY D 81 21.90 10.02 -15.46
N LYS D 82 20.74 9.57 -14.97
CA LYS D 82 20.70 9.05 -13.61
C LYS D 82 20.42 7.55 -13.60
N LEU D 83 20.13 6.96 -14.77
CA LEU D 83 19.74 5.56 -14.84
C LEU D 83 20.85 4.69 -14.25
N GLN D 84 22.11 5.01 -14.58
CA GLN D 84 23.22 4.23 -14.03
C GLN D 84 23.36 4.42 -12.52
N LEU D 85 22.97 5.60 -11.99
CA LEU D 85 23.08 5.79 -10.55
C LEU D 85 22.11 4.85 -9.83
N VAL D 86 20.90 4.71 -10.39
CA VAL D 86 19.90 3.77 -9.87
C VAL D 86 20.50 2.35 -9.87
N GLY D 87 21.09 1.99 -11.03
CA GLY D 87 21.70 0.69 -11.22
C GLY D 87 22.81 0.38 -10.21
N THR D 88 23.70 1.36 -9.95
CA THR D 88 24.88 1.16 -9.12
C THR D 88 24.38 0.96 -7.69
N ALA D 89 23.40 1.79 -7.28
CA ALA D 89 22.83 1.69 -5.93
C ALA D 89 22.19 0.32 -5.73
N ALA D 90 21.49 -0.18 -6.76
CA ALA D 90 20.80 -1.46 -6.69
C ALA D 90 21.77 -2.62 -6.52
N MET D 91 22.88 -2.59 -7.27
CA MET D 91 23.89 -3.63 -7.19
C MET D 91 24.52 -3.60 -5.79
N LEU D 92 24.87 -2.40 -5.32
CA LEU D 92 25.39 -2.20 -3.99
C LEU D 92 24.42 -2.83 -2.97
N LEU D 93 23.13 -2.54 -3.10
CA LEU D 93 22.18 -3.04 -2.10
C LEU D 93 22.10 -4.56 -2.16
N ALA D 94 22.06 -5.12 -3.39
CA ALA D 94 21.95 -6.56 -3.54
C ALA D 94 23.19 -7.22 -2.97
N SER D 95 24.35 -6.59 -3.19
CA SER D 95 25.61 -7.06 -2.65
C SER D 95 25.51 -7.13 -1.13
N LYS D 96 25.04 -6.05 -0.52
CA LYS D 96 24.96 -6.03 0.94
C LYS D 96 23.98 -7.09 1.43
N PHE D 97 22.91 -7.36 0.68
CA PHE D 97 21.92 -8.33 1.09
C PHE D 97 22.50 -9.74 1.02
N GLU D 98 23.16 -10.05 -0.11
CA GLU D 98 23.36 -11.41 -0.55
C GLU D 98 24.78 -11.92 -0.31
N GLU D 99 25.80 -11.05 -0.38
CA GLU D 99 27.19 -11.49 -0.46
C GLU D 99 27.81 -11.56 0.91
N ILE D 100 28.63 -12.59 1.12
CA ILE D 100 29.40 -12.70 2.35
C ILE D 100 30.34 -11.49 2.48
N TYR D 101 31.04 -11.18 1.39
CA TYR D 101 32.08 -10.16 1.33
C TYR D 101 31.75 -9.17 0.23
N PRO D 102 30.75 -8.28 0.43
CA PRO D 102 30.38 -7.34 -0.64
C PRO D 102 31.54 -6.39 -0.94
N PRO D 103 31.65 -5.88 -2.17
CA PRO D 103 32.65 -4.87 -2.45
C PRO D 103 32.22 -3.61 -1.70
N GLU D 104 33.22 -2.80 -1.33
CA GLU D 104 33.00 -1.55 -0.62
C GLU D 104 32.39 -0.51 -1.57
N VAL D 105 31.77 0.51 -0.98
CA VAL D 105 31.11 1.55 -1.75
C VAL D 105 32.06 2.17 -2.78
N ALA D 106 33.34 2.32 -2.44
CA ALA D 106 34.28 2.99 -3.34
C ALA D 106 34.41 2.23 -4.65
N GLU D 107 34.22 0.91 -4.60
CA GLU D 107 34.32 0.10 -5.79
C GLU D 107 33.11 0.39 -6.66
N PHE D 108 31.97 0.64 -6.01
CA PHE D 108 30.78 0.96 -6.76
C PHE D 108 30.94 2.31 -7.45
N VAL D 109 31.75 3.22 -6.86
CA VAL D 109 31.99 4.54 -7.48
C VAL D 109 32.97 4.40 -8.66
N TYR D 110 33.94 3.48 -8.50
CA TYR D 110 35.02 3.34 -9.44
C TYR D 110 34.49 2.85 -10.78
N ILE D 111 33.61 1.83 -10.74
CA ILE D 111 33.06 1.19 -11.93
C ILE D 111 32.20 2.14 -12.78
N THR D 112 31.71 3.25 -12.20
CA THR D 112 30.91 4.20 -12.96
C THR D 112 31.76 5.31 -13.59
N ASP D 113 33.11 5.11 -13.66
CA ASP D 113 34.04 5.99 -14.37
C ASP D 113 34.15 7.35 -13.66
N ASP D 114 33.73 7.40 -12.39
CA ASP D 114 33.53 8.66 -11.69
C ASP D 114 32.47 9.55 -12.38
N THR D 115 31.44 8.94 -12.98
CA THR D 115 30.27 9.69 -13.41
C THR D 115 29.56 10.27 -12.18
N TYR D 116 29.53 9.51 -11.07
CA TYR D 116 28.84 9.94 -9.88
C TYR D 116 29.83 10.00 -8.72
N THR D 117 29.57 10.92 -7.77
CA THR D 117 30.28 10.98 -6.50
C THR D 117 29.79 9.87 -5.59
N LYS D 118 30.53 9.67 -4.50
CA LYS D 118 30.21 8.65 -3.52
C LYS D 118 28.92 9.02 -2.79
N LYS D 119 28.81 10.32 -2.48
CA LYS D 119 27.65 10.85 -1.76
C LYS D 119 26.40 10.59 -2.60
N GLN D 120 26.50 10.66 -3.94
CA GLN D 120 25.36 10.40 -4.80
C GLN D 120 24.94 8.93 -4.74
N VAL D 121 25.91 8.03 -4.71
CA VAL D 121 25.60 6.58 -4.67
C VAL D 121 24.95 6.25 -3.33
N LEU D 122 25.47 6.81 -2.25
CA LEU D 122 24.96 6.50 -0.90
C LEU D 122 23.58 7.12 -0.67
N ARG D 123 23.26 8.20 -1.25
CA ARG D 123 21.94 8.85 -1.09
C ARG D 123 20.92 8.13 -1.97
N MET D 124 21.39 7.64 -3.17
CA MET D 124 20.48 6.84 -4.02
C MET D 124 20.27 5.50 -3.32
N GLU D 125 21.30 5.02 -2.64
CA GLU D 125 21.08 3.80 -1.87
C GLU D 125 19.89 3.99 -0.92
N HIS D 126 19.95 5.06 -0.12
CA HIS D 126 18.89 5.32 0.84
C HIS D 126 17.55 5.48 0.10
N LEU D 127 17.56 6.18 -1.04
CA LEU D 127 16.33 6.47 -1.75
C LEU D 127 15.74 5.16 -2.23
N VAL D 128 16.58 4.27 -2.71
CA VAL D 128 16.07 3.03 -3.25
C VAL D 128 15.43 2.21 -2.14
N LEU D 129 16.05 2.25 -0.94
CA LEU D 129 15.52 1.55 0.22
C LEU D 129 14.12 2.06 0.58
N LYS D 130 13.95 3.39 0.57
CA LYS D 130 12.70 4.01 0.97
C LYS D 130 11.61 3.68 -0.06
N VAL D 131 11.95 3.69 -1.35
CA VAL D 131 11.00 3.40 -2.40
C VAL D 131 10.56 1.93 -2.35
N LEU D 132 11.50 1.01 -2.11
CA LEU D 132 11.18 -0.40 -1.95
C LEU D 132 10.71 -0.71 -0.53
N ALA D 133 10.74 0.26 0.41
CA ALA D 133 10.33 0.00 1.79
C ALA D 133 11.09 -1.19 2.42
N PHE D 134 12.39 -1.34 2.08
CA PHE D 134 13.30 -2.37 2.57
C PHE D 134 12.83 -3.78 2.21
N ASP D 135 12.02 -3.89 1.16
CA ASP D 135 11.52 -5.17 0.72
C ASP D 135 12.51 -5.79 -0.26
N LEU D 136 13.62 -6.33 0.28
CA LEU D 136 14.75 -6.67 -0.58
C LEU D 136 14.82 -8.16 -0.85
N ALA D 137 14.09 -8.97 -0.06
CA ALA D 137 14.16 -10.42 -0.16
C ALA D 137 13.24 -10.90 -1.27
N ALA D 138 13.64 -10.65 -2.53
CA ALA D 138 12.81 -10.94 -3.70
C ALA D 138 13.14 -12.33 -4.23
N PRO D 139 12.13 -13.19 -4.44
CA PRO D 139 12.37 -14.44 -5.14
C PRO D 139 12.86 -14.07 -6.54
N THR D 140 13.84 -14.86 -7.01
CA THR D 140 14.53 -14.71 -8.30
C THR D 140 14.34 -15.93 -9.17
N ILE D 141 14.75 -15.82 -10.43
CA ILE D 141 14.81 -16.96 -11.32
C ILE D 141 15.74 -18.03 -10.73
N ASN D 142 16.88 -17.62 -10.16
CA ASN D 142 17.83 -18.60 -9.66
C ASN D 142 17.23 -19.39 -8.50
N GLN D 143 16.41 -18.77 -7.65
CA GLN D 143 15.91 -19.44 -6.45
C GLN D 143 14.88 -20.51 -6.80
N PHE D 144 14.25 -20.38 -7.98
CA PHE D 144 13.40 -21.42 -8.51
C PHE D 144 14.23 -22.49 -9.21
N LEU D 145 15.22 -22.06 -10.01
CA LEU D 145 16.05 -23.01 -10.77
C LEU D 145 16.80 -23.96 -9.82
N THR D 146 17.37 -23.46 -8.73
CA THR D 146 18.18 -24.33 -7.85
C THR D 146 17.30 -25.44 -7.33
N GLN D 147 16.05 -25.10 -7.02
CA GLN D 147 15.08 -26.11 -6.54
C GLN D 147 14.75 -27.06 -7.69
N TYR D 148 14.59 -26.52 -8.90
CA TYR D 148 14.21 -27.34 -10.06
C TYR D 148 15.36 -28.29 -10.39
N PHE D 149 16.59 -27.87 -10.11
CA PHE D 149 17.78 -28.67 -10.48
C PHE D 149 17.87 -29.89 -9.60
N LEU D 150 17.10 -29.90 -8.52
CA LEU D 150 17.17 -31.04 -7.56
C LEU D 150 16.35 -32.20 -8.12
N HIS D 151 15.58 -31.95 -9.16
CA HIS D 151 14.69 -33.01 -9.72
C HIS D 151 15.32 -33.49 -11.02
N GLN D 152 16.64 -33.42 -11.11
CA GLN D 152 17.34 -33.86 -12.35
C GLN D 152 18.09 -35.16 -12.05
N GLN D 153 18.03 -36.11 -12.99
CA GLN D 153 18.62 -37.45 -12.75
C GLN D 153 19.28 -37.93 -14.05
N PRO D 154 20.63 -37.91 -14.14
CA PRO D 154 21.40 -37.32 -13.06
C PRO D 154 21.58 -35.83 -13.23
N ALA D 155 22.56 -35.26 -12.52
CA ALA D 155 22.83 -33.82 -12.61
C ALA D 155 23.69 -33.53 -13.84
N ASN D 156 23.26 -32.57 -14.65
CA ASN D 156 24.12 -32.18 -15.81
C ASN D 156 24.68 -30.77 -15.57
N CYS D 157 25.98 -30.71 -15.26
CA CYS D 157 26.64 -29.42 -15.02
C CYS D 157 26.38 -28.48 -16.21
N LYS D 158 26.32 -29.03 -17.42
CA LYS D 158 26.08 -28.21 -18.64
C LYS D 158 24.62 -27.74 -18.64
N VAL D 159 23.68 -28.60 -18.28
CA VAL D 159 22.25 -28.21 -18.32
C VAL D 159 22.07 -27.07 -17.32
N GLU D 160 22.57 -27.26 -16.11
CA GLU D 160 22.40 -26.24 -15.05
C GLU D 160 23.03 -24.94 -15.55
N SER D 161 24.29 -25.01 -15.98
CA SER D 161 24.94 -23.81 -16.52
C SER D 161 24.10 -23.25 -17.67
N LEU D 162 23.46 -24.11 -18.46
CA LEU D 162 22.74 -23.59 -19.60
C LEU D 162 21.44 -22.94 -19.15
N ALA D 163 20.79 -23.50 -18.11
CA ALA D 163 19.56 -22.90 -17.62
C ALA D 163 19.85 -21.56 -16.94
N MET D 164 20.99 -21.47 -16.25
CA MET D 164 21.41 -20.21 -15.66
C MET D 164 21.55 -19.15 -16.75
N PHE D 165 22.14 -19.56 -17.89
CA PHE D 165 22.45 -18.70 -19.03
C PHE D 165 21.20 -18.12 -19.65
N LEU D 166 20.25 -18.98 -20.03
CA LEU D 166 19.00 -18.52 -20.58
C LEU D 166 18.33 -17.58 -19.59
N GLY D 167 18.35 -18.01 -18.32
CA GLY D 167 17.82 -17.26 -17.19
C GLY D 167 18.26 -15.81 -17.25
N GLU D 168 19.59 -15.62 -17.34
CA GLU D 168 20.19 -14.30 -17.33
C GLU D 168 19.81 -13.50 -18.58
N LEU D 169 19.69 -14.17 -19.74
CA LEU D 169 19.32 -13.49 -20.96
C LEU D 169 17.97 -12.82 -20.77
N SER D 170 17.05 -13.45 -20.05
CA SER D 170 15.77 -12.79 -19.84
C SER D 170 15.95 -11.44 -19.15
N LEU D 171 16.95 -11.31 -18.26
CA LEU D 171 17.15 -10.08 -17.49
C LEU D 171 17.30 -8.87 -18.42
N ILE D 172 17.89 -9.08 -19.60
CA ILE D 172 18.32 -7.96 -20.44
C ILE D 172 17.12 -7.26 -21.06
N ASP D 173 16.08 -8.05 -21.34
CA ASP D 173 15.05 -7.65 -22.29
C ASP D 173 13.73 -7.53 -21.56
N ALA D 174 13.39 -6.33 -21.10
CA ALA D 174 12.09 -6.11 -20.44
C ALA D 174 11.00 -6.59 -21.39
N ASP D 175 11.22 -6.44 -22.69
CA ASP D 175 10.27 -6.97 -23.70
C ASP D 175 10.87 -8.24 -24.26
N PRO D 176 10.35 -9.43 -23.92
CA PRO D 176 9.09 -9.53 -23.21
C PRO D 176 9.05 -10.12 -21.82
N TYR D 177 10.18 -10.23 -21.16
CA TYR D 177 10.22 -11.00 -19.88
C TYR D 177 9.54 -10.29 -18.72
N LEU D 178 9.32 -8.98 -18.76
CA LEU D 178 8.69 -8.40 -17.57
C LEU D 178 7.28 -8.95 -17.35
N LYS D 179 6.67 -9.54 -18.37
CA LYS D 179 5.32 -10.05 -18.23
C LYS D 179 5.34 -11.52 -17.85
N TYR D 180 6.50 -12.04 -17.44
CA TYR D 180 6.62 -13.39 -16.90
C TYR D 180 7.18 -13.30 -15.47
N LEU D 181 6.56 -14.10 -14.60
CA LEU D 181 7.06 -14.31 -13.25
C LEU D 181 8.38 -15.08 -13.27
N PRO D 182 9.27 -14.84 -12.29
CA PRO D 182 10.50 -15.63 -12.16
C PRO D 182 10.33 -17.14 -12.23
N SER D 183 9.29 -17.66 -11.56
CA SER D 183 9.06 -19.09 -11.48
C SER D 183 8.75 -19.67 -12.86
N VAL D 184 8.01 -18.90 -13.68
CA VAL D 184 7.72 -19.26 -15.06
C VAL D 184 8.99 -19.19 -15.90
N ILE D 185 9.77 -18.11 -15.78
CA ILE D 185 10.96 -17.97 -16.62
C ILE D 185 11.90 -19.12 -16.31
N ALA D 186 12.13 -19.31 -15.01
CA ALA D 186 12.90 -20.44 -14.46
C ALA D 186 12.49 -21.77 -15.09
N ALA D 187 11.18 -22.03 -15.19
CA ALA D 187 10.71 -23.28 -15.74
C ALA D 187 11.05 -23.36 -17.23
N ALA D 188 10.78 -22.29 -17.97
CA ALA D 188 11.03 -22.27 -19.41
C ALA D 188 12.51 -22.48 -19.69
N ALA D 189 13.37 -21.89 -18.86
CA ALA D 189 14.80 -21.99 -19.07
C ALA D 189 15.29 -23.40 -18.74
N PHE D 190 14.65 -24.05 -17.76
CA PHE D 190 15.02 -25.40 -17.38
C PHE D 190 14.59 -26.38 -18.47
N HIS D 191 13.32 -26.33 -18.86
CA HIS D 191 12.90 -27.17 -19.98
C HIS D 191 13.88 -27.02 -21.13
N LEU D 192 14.06 -25.80 -21.62
CA LEU D 192 14.86 -25.58 -22.84
C LEU D 192 16.25 -26.19 -22.75
N ALA D 193 16.87 -26.14 -21.56
CA ALA D 193 18.27 -26.60 -21.45
C ALA D 193 18.34 -28.13 -21.45
N LEU D 194 17.40 -28.78 -20.76
CA LEU D 194 17.37 -30.26 -20.81
C LEU D 194 17.20 -30.66 -22.28
N TYR D 195 16.22 -30.07 -22.96
CA TYR D 195 15.98 -30.39 -24.39
C TYR D 195 17.26 -30.21 -25.17
N THR D 196 18.04 -29.18 -24.87
CA THR D 196 19.19 -28.91 -25.72
C THR D 196 20.34 -29.86 -25.44
N VAL D 197 20.37 -30.51 -24.26
CA VAL D 197 21.54 -31.30 -23.94
C VAL D 197 21.19 -32.78 -23.84
N THR D 198 20.17 -33.11 -23.05
CA THR D 198 19.75 -34.49 -22.83
C THR D 198 18.75 -34.96 -23.88
N GLY D 199 17.99 -34.02 -24.45
CA GLY D 199 16.87 -34.36 -25.32
C GLY D 199 15.60 -34.65 -24.53
N GLN D 200 15.64 -34.26 -23.25
CA GLN D 200 14.51 -34.54 -22.33
C GLN D 200 13.63 -33.28 -22.16
N SER D 201 12.58 -33.37 -21.35
CA SER D 201 11.63 -32.24 -21.24
C SER D 201 11.26 -31.93 -19.79
N TRP D 202 10.42 -30.91 -19.58
CA TRP D 202 9.93 -30.56 -18.22
C TRP D 202 9.47 -31.83 -17.51
N PRO D 203 10.05 -32.18 -16.35
CA PRO D 203 9.69 -33.40 -15.65
C PRO D 203 8.38 -33.30 -14.89
N GLU D 204 7.70 -34.45 -14.76
CA GLU D 204 6.39 -34.48 -14.09
C GLU D 204 6.60 -34.19 -12.60
N SER D 205 7.73 -34.60 -12.04
CA SER D 205 8.05 -34.28 -10.62
C SER D 205 7.82 -32.79 -10.40
N LEU D 206 8.31 -31.96 -11.33
CA LEU D 206 8.15 -30.49 -11.21
C LEU D 206 6.76 -30.06 -11.68
N VAL D 207 6.06 -30.90 -12.43
CA VAL D 207 4.66 -30.53 -12.81
C VAL D 207 3.80 -30.57 -11.55
N GLN D 208 3.93 -31.63 -10.75
CA GLN D 208 3.13 -31.77 -9.55
C GLN D 208 3.54 -30.74 -8.50
N LYS D 209 4.81 -30.31 -8.54
CA LYS D 209 5.34 -29.34 -7.59
C LYS D 209 4.81 -27.92 -7.87
N THR D 210 4.80 -27.53 -9.15
CA THR D 210 4.58 -26.15 -9.59
C THR D 210 3.19 -25.92 -10.17
N GLY D 211 2.57 -26.98 -10.70
CA GLY D 211 1.32 -26.85 -11.41
C GLY D 211 1.55 -26.34 -12.84
N TYR D 212 2.82 -26.18 -13.26
CA TYR D 212 3.15 -25.70 -14.59
C TYR D 212 3.29 -26.87 -15.55
N THR D 213 2.52 -26.84 -16.64
CA THR D 213 2.68 -27.79 -17.71
C THR D 213 3.42 -27.10 -18.85
N LEU D 214 3.93 -27.92 -19.78
CA LEU D 214 4.51 -27.43 -21.02
C LEU D 214 3.47 -26.61 -21.78
N GLU D 215 2.19 -26.90 -21.55
CA GLU D 215 1.14 -26.13 -22.18
C GLU D 215 1.07 -24.73 -21.56
N THR D 216 1.15 -24.64 -20.23
CA THR D 216 1.10 -23.35 -19.55
C THR D 216 2.40 -22.57 -19.83
N LEU D 217 3.50 -23.29 -20.00
CA LEU D 217 4.82 -22.64 -20.17
C LEU D 217 5.16 -22.40 -21.64
N LYS D 218 4.19 -22.47 -22.54
CA LYS D 218 4.51 -22.35 -23.98
C LYS D 218 4.83 -20.89 -24.35
N PRO D 219 3.98 -19.88 -24.06
CA PRO D 219 4.31 -18.52 -24.46
C PRO D 219 5.76 -18.13 -24.14
N CYS D 220 6.17 -18.28 -22.87
CA CYS D 220 7.54 -17.88 -22.45
C CYS D 220 8.58 -18.77 -23.14
N LEU D 221 8.23 -20.03 -23.38
CA LEU D 221 9.19 -20.93 -24.06
C LEU D 221 9.41 -20.42 -25.48
N LEU D 222 8.34 -19.95 -26.13
CA LEU D 222 8.51 -19.38 -27.49
C LEU D 222 9.46 -18.19 -27.41
N ASP D 223 9.16 -17.23 -26.54
CA ASP D 223 10.01 -16.02 -26.42
C ASP D 223 11.44 -16.45 -26.09
N LEU D 224 11.61 -17.33 -25.10
CA LEU D 224 12.98 -17.69 -24.66
C LEU D 224 13.70 -18.41 -25.80
N HIS D 225 12.97 -19.26 -26.51
CA HIS D 225 13.57 -19.97 -27.62
C HIS D 225 14.18 -18.97 -28.58
N GLN D 226 13.41 -17.92 -28.88
CA GLN D 226 13.78 -16.94 -29.89
C GLN D 226 14.95 -16.09 -29.39
N THR D 227 14.92 -15.74 -28.10
CA THR D 227 16.01 -15.00 -27.49
C THR D 227 17.29 -15.80 -27.66
N TYR D 228 17.19 -17.12 -27.40
CA TYR D 228 18.36 -17.98 -27.49
C TYR D 228 18.87 -17.91 -28.92
N LEU D 229 17.93 -17.95 -29.87
CA LEU D 229 18.27 -18.04 -31.28
C LEU D 229 18.92 -16.75 -31.75
N ARG D 230 18.57 -15.62 -31.12
CA ARG D 230 19.01 -14.33 -31.64
C ARG D 230 20.21 -13.83 -30.84
N ALA D 231 20.56 -14.57 -29.77
CA ALA D 231 21.59 -14.15 -28.83
C ALA D 231 22.82 -13.58 -29.53
N PRO D 232 23.51 -14.29 -30.47
CA PRO D 232 24.73 -13.78 -31.09
C PRO D 232 24.62 -12.46 -31.87
N GLN D 233 23.39 -12.05 -32.21
CA GLN D 233 23.11 -10.80 -32.91
C GLN D 233 22.66 -9.71 -31.95
N HIS D 234 22.21 -10.11 -30.76
CA HIS D 234 21.78 -9.17 -29.72
C HIS D 234 22.92 -8.17 -29.48
N ALA D 235 22.58 -6.88 -29.46
CA ALA D 235 23.53 -5.82 -29.19
C ALA D 235 24.26 -6.07 -27.86
N GLN D 236 23.74 -6.96 -27.02
CA GLN D 236 24.27 -7.18 -25.68
C GLN D 236 24.86 -8.58 -25.59
N GLN D 237 26.15 -8.61 -25.25
CA GLN D 237 26.99 -9.77 -25.46
C GLN D 237 27.70 -10.22 -24.18
N SER D 238 27.48 -9.56 -23.05
CA SER D 238 28.28 -9.82 -21.86
C SER D 238 27.97 -11.20 -21.25
N ILE D 239 26.69 -11.61 -21.32
CA ILE D 239 26.25 -12.90 -20.83
C ILE D 239 26.81 -14.02 -21.70
N ARG D 240 26.88 -13.79 -23.01
CA ARG D 240 27.48 -14.78 -23.89
C ARG D 240 28.98 -14.87 -23.62
N GLU D 241 29.66 -13.72 -23.47
CA GLU D 241 31.06 -13.70 -23.07
C GLU D 241 31.23 -14.50 -21.79
N LYS D 242 30.47 -14.13 -20.76
CA LYS D 242 30.55 -14.73 -19.44
C LYS D 242 30.49 -16.25 -19.50
N TYR D 243 29.50 -16.77 -20.25
CA TYR D 243 29.24 -18.23 -20.27
C TYR D 243 30.03 -18.91 -21.39
N LYS D 244 31.02 -18.23 -21.97
CA LYS D 244 31.91 -18.88 -22.95
C LYS D 244 33.13 -19.27 -22.13
N ASN D 245 32.95 -19.39 -20.82
CA ASN D 245 34.11 -19.66 -19.93
C ASN D 245 33.98 -21.05 -19.32
N SER D 246 35.12 -21.63 -18.91
CA SER D 246 35.15 -23.00 -18.34
C SER D 246 34.22 -23.12 -17.14
N LYS D 247 34.25 -22.15 -16.23
CA LYS D 247 33.43 -22.25 -15.01
C LYS D 247 31.96 -22.44 -15.40
N TYR D 248 31.60 -22.04 -16.63
CA TYR D 248 30.20 -22.18 -17.09
C TYR D 248 30.16 -23.20 -18.20
N HIS D 249 31.26 -23.94 -18.39
CA HIS D 249 31.29 -25.04 -19.39
C HIS D 249 30.84 -24.54 -20.77
N GLY D 250 31.34 -23.39 -21.21
CA GLY D 250 31.01 -22.84 -22.55
C GLY D 250 29.65 -23.26 -23.08
N VAL D 251 28.62 -23.28 -22.22
CA VAL D 251 27.23 -23.64 -22.66
C VAL D 251 26.70 -22.54 -23.57
N SER D 252 27.39 -21.41 -23.66
CA SER D 252 26.96 -20.30 -24.55
C SER D 252 27.47 -20.59 -25.96
N LEU D 253 28.43 -21.50 -26.08
CA LEU D 253 29.00 -21.82 -27.41
C LEU D 253 28.15 -22.92 -28.03
N LEU D 254 27.42 -23.67 -27.21
CA LEU D 254 26.54 -24.75 -27.72
C LEU D 254 25.52 -24.15 -28.69
N ASN D 255 25.04 -24.96 -29.64
CA ASN D 255 24.10 -24.46 -30.67
C ASN D 255 22.67 -24.78 -30.22
N PRO D 256 21.75 -23.80 -30.30
CA PRO D 256 20.38 -24.02 -29.90
C PRO D 256 19.63 -24.98 -30.79
N PRO D 257 18.54 -25.61 -30.29
CA PRO D 257 17.73 -26.46 -31.15
C PRO D 257 17.06 -25.64 -32.24
N GLU D 258 16.57 -26.28 -33.32
CA GLU D 258 15.87 -25.51 -34.33
C GLU D 258 14.38 -25.38 -34.01
N THR D 259 13.78 -26.47 -33.47
CA THR D 259 12.37 -26.51 -33.10
C THR D 259 12.17 -27.30 -31.82
N LEU D 260 10.96 -27.20 -31.27
CA LEU D 260 10.68 -27.62 -29.91
C LEU D 260 9.58 -28.68 -29.84
N ASN D 261 9.39 -29.46 -30.90
CA ASN D 261 8.39 -30.51 -30.85
C ASN D 261 7.21 -30.08 -29.99
N VAL D 262 6.71 -28.86 -30.19
CA VAL D 262 5.52 -28.38 -29.52
C VAL D 262 4.50 -29.52 -29.47
C4 HH8 E . -14.09 9.10 -33.13
C5 HH8 E . -15.85 10.25 -32.12
C6 HH8 E . -15.11 10.44 -30.94
C7 HH8 E . -13.81 10.00 -30.88
C8 HH8 E . -13.27 9.32 -32.01
N1 HH8 E . -13.65 8.43 -34.24
N2 HH8 E . -15.39 9.58 -33.18
C3 HH8 E . -12.40 7.97 -34.24
BR1 HH8 E . -10.82 9.04 -30.53
C1 HH8 E . -11.94 8.81 -32.07
C2 HH8 E . -11.51 8.13 -33.18
C4 HH8 F . 0.51 24.18 -9.49
C5 HH8 F . 0.58 26.41 -9.94
C6 HH8 F . 1.44 26.25 -11.06
C7 HH8 F . 1.84 25.00 -11.37
C8 HH8 F . 1.37 23.93 -10.57
N1 HH8 F . 0.05 23.16 -8.71
N2 HH8 F . 0.13 25.45 -9.17
C3 HH8 F . 0.43 21.90 -8.99
BR1 HH8 F . 2.87 22.43 -12.32
C1 HH8 F . 1.72 22.57 -10.82
C2 HH8 F . 1.27 21.56 -10.05
C4 HH8 G . -27.74 -2.87 -12.00
C5 HH8 G . -29.48 -1.64 -11.09
C6 HH8 G . -30.47 -2.35 -11.80
C7 HH8 G . -30.06 -3.33 -12.62
C8 HH8 G . -28.67 -3.62 -12.76
N1 HH8 G . -26.38 -3.08 -12.09
N2 HH8 G . -28.17 -1.87 -11.16
C3 HH8 G . -25.95 -4.06 -12.88
BR1 HH8 G . -29.53 -5.53 -14.57
C1 HH8 G . -28.15 -4.62 -13.61
C2 HH8 G . -26.80 -4.85 -13.68
C4 HH8 H . 13.11 -5.49 24.16
C5 HH8 H . 12.13 -5.36 22.09
C6 HH8 H . 13.35 -5.31 21.40
C7 HH8 H . 14.47 -5.35 22.15
C8 HH8 H . 14.38 -5.45 23.56
N1 HH8 H . 12.95 -5.61 25.51
N2 HH8 H . 11.99 -5.43 23.40
C3 HH8 H . 14.03 -5.68 26.29
BR1 HH8 H . 17.18 -5.44 23.53
C1 HH8 H . 15.50 -5.54 24.43
C2 HH8 H . 15.34 -5.66 25.79
#